data_3N3B
#
_entry.id   3N3B
#
_cell.length_a   75.723
_cell.length_b   91.348
_cell.length_c   144.114
_cell.angle_alpha   90.000
_cell.angle_beta   90.000
_cell.angle_gamma   90.000
#
_symmetry.space_group_name_H-M   'P 21 21 21'
#
loop_
_entity.id
_entity.type
_entity.pdbx_description
1 polymer 'Ribonucleoside-diphosphate reductase 2 subunit beta'
2 polymer 'Protein nrdI'
3 non-polymer 'MANGANESE (II) ION'
4 non-polymer 'HYDROGEN PEROXIDE'
5 non-polymer 'FLAVIN MONONUCLEOTIDE'
6 water water
#
loop_
_entity_poly.entity_id
_entity_poly.type
_entity_poly.pdbx_seq_one_letter_code
_entity_poly.pdbx_strand_id
1 'polypeptide(L)'
;MKLSRISAINWNKISDDKDLEVWNRLTSNFWLPEKVPLSNDIPAWQTLTVVEQQLTMRVFTGLTLLDTLQNVIGAPSLMP
DALTPHEEAVLSNISFMEAVHARSYSSIFSTLCQTKDVDAAYAWSEENAPLQRKAQIIQQHYRGDDPLKKKIASVFLESF
LFYSGFWLPMYFSSRGKLTNTADLIRLIIRDEAVHGYYIGYKYQKNMEKISLGQREELKSFAFDLLLELYDNELQYTDEL
YAETPWADDVKAFLCYNANKALMNLGYEPLFPAEMAEVNPAILAALSPNADENHDFFSGSGSSYVMGKAVETEDEDWNF
;
B,A
2 'polypeptide(L)'
;MGSSHHHHHHSSGLVPRGSHMSQLVYFSSSSENTQRFIERLGLPAVRIPLNERERIQVDEPYILIVPSYGGGGTAGAVPR
QVIRFLNDEHNRALLRGVIASGNRNFGEAYGRAGDVIARKCGVPWLYRFELMGTQSDIENVRKGVTEFWQRQP
;
C,D
#
loop_
_chem_comp.id
_chem_comp.type
_chem_comp.name
_chem_comp.formula
FMN non-polymer 'FLAVIN MONONUCLEOTIDE' 'C17 H21 N4 O9 P'
MN non-polymer 'MANGANESE (II) ION' 'Mn 2'
PEO non-polymer 'HYDROGEN PEROXIDE' 'H2 O2'
#
# COMPACT_ATOMS: atom_id res chain seq x y z
N ARG A 5 -14.79 -6.79 19.58
CA ARG A 5 -14.00 -7.57 18.58
C ARG A 5 -12.76 -6.79 18.12
N ILE A 6 -12.96 -5.51 17.80
CA ILE A 6 -11.89 -4.67 17.26
C ILE A 6 -11.37 -3.68 18.31
N SER A 7 -10.04 -3.59 18.40
CA SER A 7 -9.39 -2.63 19.28
C SER A 7 -8.66 -1.56 18.46
N ALA A 8 -8.64 -0.33 18.99
CA ALA A 8 -7.96 0.78 18.33
C ALA A 8 -6.45 0.60 18.40
N ILE A 9 -5.81 0.55 17.23
CA ILE A 9 -4.37 0.31 17.13
C ILE A 9 -3.54 1.46 17.72
N ASN A 10 -2.48 1.09 18.44
CA ASN A 10 -1.59 2.05 19.08
C ASN A 10 -0.15 1.79 18.68
N TRP A 11 0.40 2.65 17.83
CA TRP A 11 1.77 2.53 17.35
C TRP A 11 2.79 3.11 18.35
N ASN A 12 2.28 3.65 19.46
CA ASN A 12 3.12 4.12 20.55
C ASN A 12 3.16 3.13 21.71
N LYS A 13 2.41 2.03 21.55
CA LYS A 13 2.45 0.90 22.49
C LYS A 13 2.85 -0.37 21.74
N ILE A 14 4.10 -0.41 21.31
CA ILE A 14 4.63 -1.51 20.49
C ILE A 14 5.00 -2.73 21.34
N SER A 15 4.52 -3.90 20.92
CA SER A 15 4.83 -5.17 21.59
C SER A 15 6.14 -5.78 21.07
N ASP A 16 6.31 -5.73 19.73
CA ASP A 16 7.50 -6.28 19.08
C ASP A 16 8.11 -5.21 18.18
N ASP A 17 9.35 -4.80 18.50
CA ASP A 17 10.06 -3.74 17.78
C ASP A 17 10.21 -4.00 16.28
N LYS A 18 10.31 -5.27 15.90
CA LYS A 18 10.44 -5.67 14.50
C LYS A 18 9.23 -5.28 13.64
N ASP A 19 8.05 -5.22 14.24
CA ASP A 19 6.84 -4.79 13.55
C ASP A 19 6.97 -3.36 13.03
N LEU A 20 7.49 -2.46 13.87
CA LEU A 20 7.71 -1.07 13.50
C LEU A 20 8.89 -0.91 12.55
N GLU A 21 9.95 -1.69 12.78
CA GLU A 21 11.13 -1.71 11.91
C GLU A 21 10.78 -2.06 10.47
N VAL A 22 9.99 -3.13 10.32
CA VAL A 22 9.57 -3.64 9.00
C VAL A 22 8.53 -2.73 8.35
N TRP A 23 7.60 -2.20 9.16
CA TRP A 23 6.61 -1.23 8.68
C TRP A 23 7.31 -0.03 8.05
N ASN A 24 8.29 0.53 8.76
CA ASN A 24 9.05 1.67 8.28
C ASN A 24 9.88 1.37 7.04
N ARG A 25 10.47 0.19 6.99
CA ARG A 25 11.28 -0.22 5.84
C ARG A 25 10.44 -0.46 4.59
N LEU A 26 9.32 -1.16 4.74
CA LEU A 26 8.45 -1.49 3.61
C LEU A 26 7.70 -0.28 3.04
N THR A 27 7.24 0.61 3.92
CA THR A 27 6.49 1.80 3.50
C THR A 27 7.37 2.88 2.89
N SER A 28 8.57 3.06 3.46
CA SER A 28 9.52 4.06 2.94
C SER A 28 10.16 3.61 1.62
N ASN A 29 10.06 2.32 1.33
CA ASN A 29 10.54 1.76 0.06
C ASN A 29 9.46 1.68 -1.01
N PHE A 30 8.35 2.39 -0.80
CA PHE A 30 7.24 2.42 -1.75
C PHE A 30 7.71 2.86 -3.13
N TRP A 31 7.22 2.17 -4.15
CA TRP A 31 7.56 2.43 -5.53
C TRP A 31 6.43 1.97 -6.44
N LEU A 32 6.41 2.49 -7.66
CA LEU A 32 5.49 2.05 -8.69
C LEU A 32 6.25 1.80 -9.99
N PRO A 33 5.73 0.92 -10.86
CA PRO A 33 6.36 0.69 -12.17
C PRO A 33 6.49 1.97 -13.02
N GLU A 34 5.56 2.91 -12.83
CA GLU A 34 5.57 4.20 -13.53
C GLU A 34 6.78 5.06 -13.19
N LYS A 35 7.38 4.83 -12.02
CA LYS A 35 8.54 5.59 -11.55
C LYS A 35 9.83 5.14 -12.25
N VAL A 36 9.77 3.97 -12.88
CA VAL A 36 10.90 3.42 -13.62
C VAL A 36 10.71 3.69 -15.12
N PRO A 37 11.72 4.31 -15.77
CA PRO A 37 11.64 4.57 -17.21
C PRO A 37 11.86 3.31 -18.05
N LEU A 38 10.85 2.44 -18.07
CA LEU A 38 10.90 1.16 -18.78
C LEU A 38 11.00 1.31 -20.30
N SER A 39 10.48 2.43 -20.82
CA SER A 39 10.50 2.71 -22.25
C SER A 39 11.91 2.88 -22.83
N ASN A 40 12.87 3.18 -21.97
CA ASN A 40 14.27 3.32 -22.40
C ASN A 40 14.96 1.98 -22.72
N ASP A 41 14.27 0.88 -22.42
CA ASP A 41 14.78 -0.46 -22.70
C ASP A 41 14.37 -0.99 -24.08
N ILE A 42 13.58 -0.19 -24.81
CA ILE A 42 13.13 -0.55 -26.17
C ILE A 42 14.29 -0.89 -27.13
N PRO A 43 15.35 -0.04 -27.16
CA PRO A 43 16.50 -0.36 -28.03
C PRO A 43 17.18 -1.68 -27.67
N ALA A 44 17.36 -1.93 -26.38
CA ALA A 44 17.97 -3.17 -25.89
C ALA A 44 17.10 -4.40 -26.17
N TRP A 45 15.79 -4.22 -26.07
CA TRP A 45 14.83 -5.28 -26.34
C TRP A 45 14.89 -5.76 -27.79
N GLN A 46 15.09 -4.81 -28.71
CA GLN A 46 15.09 -5.10 -30.15
C GLN A 46 16.40 -5.71 -30.65
N THR A 47 17.41 -5.79 -29.79
CA THR A 47 18.68 -6.43 -30.12
C THR A 47 18.70 -7.89 -29.65
N LEU A 48 17.70 -8.26 -28.84
CA LEU A 48 17.57 -9.63 -28.35
C LEU A 48 17.07 -10.56 -29.44
N THR A 49 17.50 -11.82 -29.38
CA THR A 49 17.05 -12.85 -30.31
C THR A 49 15.61 -13.25 -29.97
N VAL A 50 14.93 -13.88 -30.94
CA VAL A 50 13.56 -14.36 -30.74
C VAL A 50 13.49 -15.32 -29.54
N VAL A 51 14.52 -16.15 -29.40
CA VAL A 51 14.67 -17.06 -28.27
C VAL A 51 14.69 -16.30 -26.94
N GLU A 52 15.51 -15.26 -26.87
CA GLU A 52 15.66 -14.44 -25.65
C GLU A 52 14.39 -13.68 -25.29
N GLN A 53 13.71 -13.14 -26.30
CA GLN A 53 12.46 -12.40 -26.10
C GLN A 53 11.35 -13.32 -25.60
N GLN A 54 11.22 -14.47 -26.23
CA GLN A 54 10.23 -15.50 -25.87
C GLN A 54 10.43 -15.99 -24.44
N LEU A 55 11.69 -16.22 -24.08
CA LEU A 55 12.07 -16.64 -22.73
C LEU A 55 11.71 -15.58 -21.68
N THR A 56 11.96 -14.32 -22.03
CA THR A 56 11.68 -13.19 -21.13
C THR A 56 10.18 -13.08 -20.81
N MET A 57 9.35 -13.20 -21.85
CA MET A 57 7.90 -13.12 -21.69
C MET A 57 7.32 -14.30 -20.90
N ARG A 58 7.85 -15.49 -21.13
CA ARG A 58 7.43 -16.69 -20.41
C ARG A 58 7.82 -16.65 -18.94
N VAL A 59 8.98 -16.06 -18.66
CA VAL A 59 9.46 -15.84 -17.30
C VAL A 59 8.51 -14.91 -16.53
N PHE A 60 8.16 -13.78 -17.15
CA PHE A 60 7.33 -12.78 -16.49
C PHE A 60 5.84 -13.15 -16.37
N THR A 61 5.34 -13.96 -17.30
CA THR A 61 3.96 -14.48 -17.19
C THR A 61 3.83 -15.48 -16.06
N GLY A 62 4.90 -16.24 -15.83
CA GLY A 62 4.98 -17.17 -14.70
C GLY A 62 5.02 -16.44 -13.37
N LEU A 63 5.82 -15.38 -13.30
CA LEU A 63 5.93 -14.56 -12.08
C LEU A 63 4.65 -13.78 -11.79
N THR A 64 3.92 -13.41 -12.84
CA THR A 64 2.64 -12.72 -12.71
C THR A 64 1.62 -13.59 -11.97
N LEU A 65 1.53 -14.86 -12.37
CA LEU A 65 0.63 -15.84 -11.73
C LEU A 65 0.94 -15.99 -10.24
N LEU A 66 2.23 -16.13 -9.92
CA LEU A 66 2.66 -16.39 -8.55
C LEU A 66 2.52 -15.17 -7.64
N ASP A 67 2.76 -13.98 -8.19
CA ASP A 67 2.55 -12.73 -7.45
C ASP A 67 1.07 -12.41 -7.25
N THR A 68 0.24 -12.78 -8.23
CA THR A 68 -1.22 -12.67 -8.09
C THR A 68 -1.70 -13.59 -6.97
N LEU A 69 -1.15 -14.80 -6.92
CA LEU A 69 -1.44 -15.76 -5.86
C LEU A 69 -1.07 -15.20 -4.48
N GLN A 70 0.07 -14.51 -4.41
CA GLN A 70 0.53 -13.88 -3.17
C GLN A 70 -0.39 -12.76 -2.70
N ASN A 71 -0.91 -11.99 -3.66
CA ASN A 71 -1.86 -10.90 -3.36
C ASN A 71 -3.22 -11.40 -2.91
N VAL A 72 -3.80 -12.31 -3.70
CA VAL A 72 -5.16 -12.80 -3.46
C VAL A 72 -5.27 -13.75 -2.27
N ILE A 73 -4.39 -14.75 -2.21
CA ILE A 73 -4.48 -15.80 -1.18
C ILE A 73 -3.30 -15.78 -0.20
N GLY A 74 -2.09 -15.60 -0.72
CA GLY A 74 -0.86 -15.69 0.07
C GLY A 74 -0.81 -14.90 1.36
N ALA A 75 -0.69 -13.58 1.24
CA ALA A 75 -0.59 -12.69 2.39
C ALA A 75 -1.85 -12.60 3.27
N PRO A 76 -3.05 -12.63 2.65
CA PRO A 76 -4.29 -12.65 3.45
C PRO A 76 -4.43 -13.87 4.37
N SER A 77 -3.91 -15.03 3.95
CA SER A 77 -4.00 -16.25 4.76
C SER A 77 -3.13 -16.21 6.02
N LEU A 78 -2.20 -15.26 6.07
CA LEU A 78 -1.32 -15.10 7.24
C LEU A 78 -1.91 -14.16 8.29
N MET A 79 -2.93 -13.38 7.89
CA MET A 79 -3.56 -12.38 8.76
C MET A 79 -4.28 -12.92 10.00
N PRO A 80 -5.05 -14.03 9.88
CA PRO A 80 -5.73 -14.56 11.05
C PRO A 80 -4.77 -15.13 12.12
N ASP A 81 -3.52 -15.34 11.73
CA ASP A 81 -2.53 -15.96 12.62
C ASP A 81 -1.51 -14.96 13.17
N ALA A 82 -1.83 -13.68 13.06
CA ALA A 82 -0.95 -12.61 13.52
C ALA A 82 -0.90 -12.54 15.04
N LEU A 83 0.28 -12.22 15.58
CA LEU A 83 0.50 -12.15 17.02
C LEU A 83 0.16 -10.78 17.59
N THR A 84 0.38 -9.73 16.79
CA THR A 84 0.15 -8.35 17.21
C THR A 84 -0.76 -7.63 16.19
N PRO A 85 -1.46 -6.57 16.64
CA PRO A 85 -2.25 -5.74 15.70
C PRO A 85 -1.38 -5.07 14.65
N HIS A 86 -0.12 -4.82 14.98
CA HIS A 86 0.83 -4.18 14.07
C HIS A 86 1.29 -5.12 12.95
N GLU A 87 1.33 -6.42 13.26
CA GLU A 87 1.63 -7.44 12.25
C GLU A 87 0.55 -7.50 11.17
N GLU A 88 -0.71 -7.33 11.59
CA GLU A 88 -1.85 -7.28 10.68
C GLU A 88 -1.74 -6.11 9.69
N ALA A 89 -1.29 -4.97 10.21
CA ALA A 89 -1.13 -3.76 9.40
C ALA A 89 0.02 -3.90 8.40
N VAL A 90 1.10 -4.58 8.80
CA VAL A 90 2.24 -4.82 7.93
C VAL A 90 1.88 -5.81 6.81
N LEU A 91 1.09 -6.82 7.14
CA LEU A 91 0.61 -7.80 6.17
C LEU A 91 -0.31 -7.17 5.12
N SER A 92 -1.01 -6.11 5.51
CA SER A 92 -1.81 -5.28 4.58
C SER A 92 -0.93 -4.58 3.55
N ASN A 93 0.24 -4.13 3.98
CA ASN A 93 1.23 -3.53 3.08
C ASN A 93 1.82 -4.57 2.13
N ILE A 94 2.22 -5.71 2.69
CA ILE A 94 2.77 -6.83 1.93
C ILE A 94 1.80 -7.24 0.82
N SER A 95 0.54 -7.46 1.19
CA SER A 95 -0.51 -7.85 0.24
C SER A 95 -0.67 -6.84 -0.91
N PHE A 96 -0.71 -5.56 -0.57
CA PHE A 96 -0.79 -4.50 -1.57
C PHE A 96 0.43 -4.47 -2.48
N MET A 97 1.62 -4.61 -1.90
CA MET A 97 2.86 -4.60 -2.69
C MET A 97 3.01 -5.83 -3.59
N GLU A 98 2.32 -6.93 -3.25
CA GLU A 98 2.26 -8.10 -4.13
C GLU A 98 1.47 -7.77 -5.39
N ALA A 99 0.43 -6.94 -5.24
CA ALA A 99 -0.38 -6.47 -6.36
C ALA A 99 0.41 -5.50 -7.25
N VAL A 100 1.30 -4.72 -6.62
CA VAL A 100 2.21 -3.83 -7.35
C VAL A 100 3.22 -4.63 -8.19
N HIS A 101 3.75 -5.70 -7.60
CA HIS A 101 4.70 -6.58 -8.30
C HIS A 101 4.06 -7.20 -9.55
N ALA A 102 2.85 -7.72 -9.39
CA ALA A 102 2.11 -8.33 -10.50
C ALA A 102 1.76 -7.31 -11.58
N ARG A 103 1.44 -6.09 -11.15
CA ARG A 103 1.11 -4.99 -12.06
C ARG A 103 2.32 -4.54 -12.88
N SER A 104 3.50 -4.61 -12.27
CA SER A 104 4.74 -4.16 -12.91
CA SER A 104 4.75 -4.17 -12.91
C SER A 104 5.14 -5.03 -14.11
N TYR A 105 4.72 -6.30 -14.10
CA TYR A 105 5.02 -7.21 -15.21
C TYR A 105 4.22 -6.83 -16.45
N SER A 106 2.97 -6.40 -16.25
CA SER A 106 2.13 -5.88 -17.33
C SER A 106 2.69 -4.57 -17.88
N SER A 107 3.32 -3.78 -17.01
CA SER A 107 3.98 -2.54 -17.41
C SER A 107 5.16 -2.81 -18.34
N ILE A 108 5.87 -3.92 -18.08
CA ILE A 108 6.94 -4.38 -18.97
C ILE A 108 6.36 -4.83 -20.31
N PHE A 109 5.30 -5.64 -20.27
CA PHE A 109 4.64 -6.14 -21.48
C PHE A 109 4.13 -5.02 -22.39
N SER A 110 3.45 -4.05 -21.78
CA SER A 110 2.84 -2.92 -22.50
C SER A 110 3.88 -2.03 -23.17
N THR A 111 5.06 -1.95 -22.57
CA THR A 111 6.12 -1.06 -23.03
C THR A 111 6.99 -1.68 -24.13
N LEU A 112 7.40 -2.93 -23.93
CA LEU A 112 8.41 -3.56 -24.79
C LEU A 112 7.85 -4.56 -25.81
N CYS A 113 6.78 -5.25 -25.45
CA CYS A 113 6.35 -6.44 -26.18
C CYS A 113 5.16 -6.24 -27.13
N GLN A 114 4.96 -7.21 -28.02
CA GLN A 114 3.80 -7.27 -28.90
C GLN A 114 2.68 -8.06 -28.23
N THR A 115 1.45 -7.61 -28.43
CA THR A 115 0.27 -8.16 -27.75
C THR A 115 0.05 -9.66 -28.00
N LYS A 116 0.23 -10.10 -29.25
CA LYS A 116 0.01 -11.51 -29.58
C LYS A 116 1.10 -12.43 -29.00
N ASP A 117 2.30 -11.89 -28.81
CA ASP A 117 3.40 -12.62 -28.20
C ASP A 117 3.22 -12.77 -26.69
N VAL A 118 2.65 -11.74 -26.07
CA VAL A 118 2.34 -11.75 -24.63
C VAL A 118 1.23 -12.78 -24.35
N ASP A 119 0.19 -12.78 -25.19
CA ASP A 119 -0.92 -13.73 -25.10
C ASP A 119 -0.46 -15.17 -25.27
N ALA A 120 0.49 -15.38 -26.18
CA ALA A 120 1.07 -16.71 -26.42
C ALA A 120 1.88 -17.19 -25.21
N ALA A 121 2.56 -16.27 -24.55
CA ALA A 121 3.34 -16.58 -23.35
C ALA A 121 2.44 -16.92 -22.16
N TYR A 122 1.30 -16.22 -22.06
CA TYR A 122 0.28 -16.52 -21.05
C TYR A 122 -0.33 -17.91 -21.25
N ALA A 123 -0.54 -18.28 -22.50
CA ALA A 123 -1.06 -19.60 -22.84
C ALA A 123 -0.05 -20.70 -22.54
N TRP A 124 1.23 -20.40 -22.79
CA TRP A 124 2.33 -21.32 -22.48
C TRP A 124 2.41 -21.59 -20.98
N SER A 125 2.23 -20.54 -20.18
CA SER A 125 2.26 -20.65 -18.72
C SER A 125 1.10 -21.49 -18.18
N GLU A 126 -0.07 -21.33 -18.79
CA GLU A 126 -1.27 -22.09 -18.40
C GLU A 126 -1.13 -23.58 -18.68
N GLU A 127 -0.39 -23.93 -19.74
CA GLU A 127 -0.23 -25.32 -20.15
C GLU A 127 1.08 -25.94 -19.65
N ASN A 128 1.85 -25.16 -18.88
CA ASN A 128 3.10 -25.65 -18.32
C ASN A 128 2.87 -26.43 -17.02
N ALA A 129 3.19 -27.71 -17.05
CA ALA A 129 2.93 -28.62 -15.92
C ALA A 129 3.69 -28.25 -14.62
N PRO A 130 5.02 -28.05 -14.69
CA PRO A 130 5.76 -27.68 -13.47
C PRO A 130 5.31 -26.37 -12.82
N LEU A 131 4.91 -25.39 -13.62
CA LEU A 131 4.43 -24.11 -13.11
C LEU A 131 3.09 -24.25 -12.39
N GLN A 132 2.18 -25.03 -12.98
CA GLN A 132 0.86 -25.26 -12.38
C GLN A 132 0.94 -26.14 -11.13
N ARG A 133 1.84 -27.12 -11.16
CA ARG A 133 2.09 -27.99 -10.01
C ARG A 133 2.68 -27.21 -8.84
N LYS A 134 3.57 -26.27 -9.15
CA LYS A 134 4.13 -25.37 -8.15
C LYS A 134 3.03 -24.49 -7.52
N ALA A 135 2.14 -23.98 -8.37
CA ALA A 135 1.02 -23.13 -7.93
C ALA A 135 0.02 -23.89 -7.06
N GLN A 136 -0.19 -25.17 -7.35
CA GLN A 136 -1.14 -26.00 -6.60
C GLN A 136 -0.63 -26.38 -5.22
N ILE A 137 0.66 -26.74 -5.13
CA ILE A 137 1.29 -27.10 -3.86
C ILE A 137 1.28 -25.94 -2.87
N ILE A 138 1.62 -24.75 -3.35
CA ILE A 138 1.67 -23.54 -2.53
C ILE A 138 0.28 -23.13 -2.02
N GLN A 139 -0.72 -23.20 -2.91
CA GLN A 139 -2.10 -22.86 -2.55
C GLN A 139 -2.72 -23.90 -1.62
N GLN A 140 -2.30 -25.16 -1.77
CA GLN A 140 -2.76 -26.27 -0.93
C GLN A 140 -2.50 -26.00 0.55
N HIS A 141 -1.30 -25.54 0.87
CA HIS A 141 -0.92 -25.24 2.25
C HIS A 141 -1.53 -23.93 2.75
N TYR A 142 -1.79 -22.99 1.84
CA TYR A 142 -2.46 -21.74 2.17
C TYR A 142 -3.91 -21.94 2.62
N ARG A 143 -4.59 -22.88 1.97
CA ARG A 143 -5.98 -23.19 2.29
C ARG A 143 -6.10 -24.32 3.33
N GLY A 144 -4.95 -24.74 3.86
CA GLY A 144 -4.91 -25.72 4.94
C GLY A 144 -5.21 -25.08 6.29
N ASP A 145 -5.09 -25.88 7.35
CA ASP A 145 -5.39 -25.39 8.70
C ASP A 145 -4.17 -25.40 9.63
N ASP A 146 -2.98 -25.50 9.04
CA ASP A 146 -1.73 -25.39 9.77
C ASP A 146 -1.06 -24.05 9.45
N PRO A 147 -1.18 -23.07 10.36
CA PRO A 147 -0.70 -21.70 10.15
C PRO A 147 0.81 -21.61 9.91
N LEU A 148 1.57 -22.49 10.55
CA LEU A 148 3.03 -22.48 10.44
C LEU A 148 3.51 -22.97 9.07
N LYS A 149 2.73 -23.86 8.45
CA LYS A 149 3.03 -24.36 7.11
C LYS A 149 2.80 -23.30 6.03
N LYS A 150 1.88 -22.38 6.30
CA LYS A 150 1.59 -21.26 5.40
C LYS A 150 2.78 -20.30 5.31
N LYS A 151 3.45 -20.10 6.46
CA LYS A 151 4.65 -19.25 6.52
C LYS A 151 5.83 -19.90 5.81
N ILE A 152 5.95 -21.23 5.93
CA ILE A 152 6.99 -22.00 5.24
C ILE A 152 6.83 -21.88 3.73
N ALA A 153 5.60 -22.11 3.24
CA ALA A 153 5.30 -22.03 1.82
C ALA A 153 5.53 -20.64 1.25
N SER A 154 5.18 -19.61 2.02
CA SER A 154 5.35 -18.21 1.61
C SER A 154 6.81 -17.81 1.46
N VAL A 155 7.65 -18.26 2.38
CA VAL A 155 9.09 -17.98 2.32
C VAL A 155 9.74 -18.73 1.15
N PHE A 156 9.35 -19.99 0.96
CA PHE A 156 9.91 -20.82 -0.11
C PHE A 156 9.61 -20.30 -1.52
N LEU A 157 8.45 -19.67 -1.68
CA LEU A 157 8.03 -19.16 -2.98
C LEU A 157 8.86 -17.95 -3.43
N GLU A 158 8.97 -16.95 -2.56
CA GLU A 158 9.52 -15.65 -2.96
C GLU A 158 10.95 -15.38 -2.53
N SER A 159 11.50 -16.22 -1.65
CA SER A 159 12.91 -16.16 -1.30
C SER A 159 13.72 -17.26 -2.00
N PHE A 160 13.02 -18.16 -2.69
CA PHE A 160 13.66 -19.29 -3.36
C PHE A 160 13.15 -19.53 -4.79
N LEU A 161 11.87 -19.86 -4.94
CA LEU A 161 11.32 -20.28 -6.24
C LEU A 161 11.33 -19.17 -7.30
N PHE A 162 10.97 -17.96 -6.89
CA PHE A 162 10.93 -16.79 -7.79
C PHE A 162 12.24 -16.52 -8.53
N TYR A 163 13.35 -16.99 -7.98
CA TYR A 163 14.69 -16.67 -8.49
C TYR A 163 15.09 -17.42 -9.75
N SER A 164 14.31 -18.43 -10.14
CA SER A 164 14.47 -19.06 -11.46
C SER A 164 14.08 -18.07 -12.54
N GLY A 165 13.16 -17.18 -12.20
CA GLY A 165 12.76 -16.08 -13.07
C GLY A 165 13.61 -14.84 -12.89
N PHE A 166 14.01 -14.56 -11.65
CA PHE A 166 14.82 -13.38 -11.33
C PHE A 166 16.23 -13.43 -11.90
N TRP A 167 16.70 -14.63 -12.22
CA TRP A 167 18.04 -14.83 -12.80
C TRP A 167 18.21 -14.07 -14.12
N LEU A 168 17.20 -14.13 -14.98
CA LEU A 168 17.27 -13.56 -16.33
C LEU A 168 17.51 -12.04 -16.39
N PRO A 169 16.70 -11.24 -15.66
CA PRO A 169 16.93 -9.79 -15.64
C PRO A 169 18.31 -9.41 -15.07
N MET A 170 18.82 -10.24 -14.17
CA MET A 170 20.15 -10.04 -13.61
C MET A 170 21.24 -10.41 -14.60
N TYR A 171 20.98 -11.41 -15.44
CA TYR A 171 21.91 -11.78 -16.49
C TYR A 171 22.00 -10.71 -17.57
N PHE A 172 20.85 -10.22 -18.03
CA PHE A 172 20.80 -9.13 -18.99
C PHE A 172 21.51 -7.88 -18.46
N SER A 173 21.35 -7.63 -17.16
CA SER A 173 22.00 -6.52 -16.48
C SER A 173 23.53 -6.61 -16.55
N SER A 174 24.06 -7.82 -16.40
CA SER A 174 25.51 -8.05 -16.43
C SER A 174 26.13 -7.82 -17.81
N ARG A 175 25.32 -8.01 -18.86
CA ARG A 175 25.77 -7.79 -20.23
C ARG A 175 25.37 -6.40 -20.75
N GLY A 176 24.78 -5.58 -19.87
CA GLY A 176 24.40 -4.21 -20.19
C GLY A 176 23.13 -4.09 -21.01
N LYS A 177 22.22 -5.05 -20.84
CA LYS A 177 20.95 -5.05 -21.56
C LYS A 177 19.76 -4.96 -20.62
N LEU A 178 18.68 -4.30 -21.07
CA LEU A 178 17.46 -4.09 -20.30
C LEU A 178 17.75 -3.64 -18.86
N THR A 179 18.51 -2.56 -18.74
CA THR A 179 18.98 -2.06 -17.44
C THR A 179 17.87 -1.48 -16.57
N ASN A 180 16.88 -0.85 -17.21
CA ASN A 180 15.74 -0.27 -16.49
C ASN A 180 14.80 -1.33 -15.94
N THR A 181 14.56 -2.37 -16.74
CA THR A 181 13.80 -3.55 -16.30
C THR A 181 14.50 -4.23 -15.13
N ALA A 182 15.83 -4.30 -15.20
CA ALA A 182 16.66 -4.85 -14.13
C ALA A 182 16.53 -4.03 -12.84
N ASP A 183 16.47 -2.70 -12.98
CA ASP A 183 16.28 -1.79 -11.85
C ASP A 183 14.93 -2.02 -11.17
N LEU A 184 13.90 -2.27 -11.98
CA LEU A 184 12.56 -2.57 -11.49
C LEU A 184 12.51 -3.90 -10.73
N ILE A 185 13.19 -4.91 -11.27
CA ILE A 185 13.27 -6.23 -10.65
C ILE A 185 13.99 -6.17 -9.30
N ARG A 186 15.02 -5.33 -9.22
CA ARG A 186 15.76 -5.11 -7.98
C ARG A 186 14.90 -4.46 -6.88
N LEU A 187 13.91 -3.68 -7.29
CA LEU A 187 12.93 -3.10 -6.36
C LEU A 187 11.98 -4.16 -5.81
N ILE A 188 11.62 -5.12 -6.66
CA ILE A 188 10.80 -6.27 -6.27
C ILE A 188 11.60 -7.18 -5.32
N ILE A 189 12.85 -7.43 -5.68
CA ILE A 189 13.77 -8.24 -4.89
C ILE A 189 14.03 -7.61 -3.50
N ARG A 190 14.17 -6.28 -3.48
CA ARG A 190 14.36 -5.54 -2.22
C ARG A 190 13.15 -5.71 -1.29
N ASP A 191 11.95 -5.73 -1.86
CA ASP A 191 10.73 -6.00 -1.10
C ASP A 191 10.70 -7.42 -0.57
N GLU A 192 11.03 -8.38 -1.43
CA GLU A 192 10.92 -9.81 -1.10
C GLU A 192 11.92 -10.29 -0.05
N ALA A 193 13.08 -9.65 0.00
CA ALA A 193 14.09 -9.93 1.03
C ALA A 193 13.54 -9.62 2.43
N VAL A 194 12.80 -8.52 2.54
CA VAL A 194 12.19 -8.10 3.79
C VAL A 194 10.96 -8.96 4.10
N HIS A 195 10.17 -9.24 3.07
CA HIS A 195 9.00 -10.13 3.17
C HIS A 195 9.38 -11.48 3.79
N GLY A 196 10.40 -12.12 3.21
CA GLY A 196 10.89 -13.41 3.67
C GLY A 196 11.52 -13.35 5.06
N TYR A 197 12.24 -12.26 5.33
CA TYR A 197 12.82 -12.01 6.64
C TYR A 197 11.74 -11.94 7.71
N TYR A 198 10.70 -11.15 7.45
CA TYR A 198 9.63 -10.88 8.41
C TYR A 198 8.77 -12.10 8.67
N ILE A 199 8.29 -12.73 7.59
CA ILE A 199 7.48 -13.94 7.67
C ILE A 199 8.26 -15.09 8.33
N GLY A 200 9.54 -15.19 7.97
CA GLY A 200 10.45 -16.17 8.58
C GLY A 200 10.68 -15.92 10.06
N TYR A 201 10.82 -14.66 10.44
CA TYR A 201 10.98 -14.25 11.84
C TYR A 201 9.74 -14.58 12.67
N LYS A 202 8.57 -14.33 12.10
CA LYS A 202 7.29 -14.62 12.77
C LYS A 202 7.06 -16.11 12.91
N TYR A 203 7.53 -16.88 11.94
CA TYR A 203 7.52 -18.34 12.00
C TYR A 203 8.30 -18.85 13.21
N GLN A 204 9.47 -18.28 13.45
CA GLN A 204 10.32 -18.66 14.57
C GLN A 204 9.73 -18.25 15.93
N LYS A 205 9.03 -17.11 15.94
CA LYS A 205 8.38 -16.61 17.15
C LYS A 205 7.18 -17.47 17.53
N ASN A 206 6.46 -17.96 16.52
CA ASN A 206 5.32 -18.85 16.73
C ASN A 206 5.72 -20.25 17.19
N MET A 207 6.90 -20.70 16.76
CA MET A 207 7.40 -22.03 17.13
C MET A 207 7.91 -22.12 18.57
N GLU A 208 8.09 -20.97 19.20
CA GLU A 208 8.51 -20.90 20.60
C GLU A 208 7.38 -21.29 21.57
N LYS A 209 6.16 -21.34 21.04
CA LYS A 209 4.97 -21.62 21.85
C LYS A 209 4.49 -23.07 21.71
N ILE A 210 5.18 -23.86 20.90
CA ILE A 210 4.80 -25.26 20.67
C ILE A 210 5.85 -26.24 21.20
N SER A 211 5.42 -27.50 21.36
CA SER A 211 6.29 -28.56 21.87
C SER A 211 7.44 -28.89 20.93
N LEU A 212 8.49 -29.50 21.48
CA LEU A 212 9.66 -29.92 20.71
C LEU A 212 9.29 -30.94 19.64
N GLY A 213 8.33 -31.80 19.95
CA GLY A 213 7.84 -32.82 19.02
C GLY A 213 7.25 -32.24 17.74
N GLN A 214 6.52 -31.14 17.87
CA GLN A 214 5.90 -30.48 16.71
C GLN A 214 6.91 -29.66 15.92
N ARG A 215 7.93 -29.13 16.59
CA ARG A 215 9.01 -28.40 15.92
C ARG A 215 9.79 -29.29 14.97
N GLU A 216 10.10 -30.50 15.43
CA GLU A 216 10.80 -31.49 14.62
C GLU A 216 9.94 -32.01 13.48
N GLU A 217 8.63 -32.06 13.72
CA GLU A 217 7.65 -32.45 12.70
C GLU A 217 7.60 -31.41 11.57
N LEU A 218 7.67 -30.13 11.95
CA LEU A 218 7.65 -29.03 10.99
C LEU A 218 8.98 -28.86 10.28
N LYS A 219 10.08 -29.14 10.98
CA LYS A 219 11.41 -29.12 10.39
C LYS A 219 11.53 -30.16 9.29
N SER A 220 11.08 -31.38 9.58
CA SER A 220 11.07 -32.48 8.61
C SER A 220 10.16 -32.17 7.43
N PHE A 221 9.02 -31.53 7.71
CA PHE A 221 8.10 -31.09 6.67
C PHE A 221 8.74 -30.03 5.77
N ALA A 222 9.43 -29.07 6.37
CA ALA A 222 10.05 -27.96 5.65
C ALA A 222 11.10 -28.44 4.65
N PHE A 223 11.97 -29.35 5.09
CA PHE A 223 13.01 -29.91 4.22
C PHE A 223 12.44 -30.83 3.14
N ASP A 224 11.38 -31.56 3.47
CA ASP A 224 10.70 -32.42 2.50
C ASP A 224 9.94 -31.61 1.44
N LEU A 225 9.35 -30.50 1.86
CA LEU A 225 8.66 -29.58 0.94
C LEU A 225 9.67 -28.86 0.05
N LEU A 226 10.79 -28.45 0.63
CA LEU A 226 11.87 -27.79 -0.12
C LEU A 226 12.39 -28.64 -1.26
N LEU A 227 12.66 -29.91 -0.97
CA LEU A 227 13.15 -30.87 -1.98
C LEU A 227 12.10 -31.18 -3.04
N GLU A 228 10.83 -31.22 -2.64
CA GLU A 228 9.72 -31.44 -3.56
C GLU A 228 9.59 -30.29 -4.56
N LEU A 229 9.61 -29.06 -4.05
CA LEU A 229 9.51 -27.86 -4.88
C LEU A 229 10.77 -27.65 -5.72
N TYR A 230 11.91 -28.04 -5.17
CA TYR A 230 13.20 -27.93 -5.85
C TYR A 230 13.28 -28.85 -7.07
N ASP A 231 12.92 -30.13 -6.88
CA ASP A 231 12.91 -31.11 -7.97
C ASP A 231 11.97 -30.69 -9.09
N ASN A 232 10.81 -30.14 -8.71
CA ASN A 232 9.84 -29.60 -9.65
C ASN A 232 10.35 -28.33 -10.35
N GLU A 233 11.13 -27.53 -9.63
CA GLU A 233 11.70 -26.29 -10.17
C GLU A 233 12.82 -26.56 -11.17
N LEU A 234 13.56 -27.65 -10.96
CA LEU A 234 14.59 -28.09 -11.91
C LEU A 234 13.96 -28.42 -13.26
N GLN A 235 12.78 -29.05 -13.22
CA GLN A 235 12.02 -29.38 -14.42
C GLN A 235 11.49 -28.11 -15.10
N TYR A 236 11.04 -27.16 -14.28
CA TYR A 236 10.56 -25.85 -14.76
C TYR A 236 11.69 -25.06 -15.43
N THR A 237 12.88 -25.14 -14.86
CA THR A 237 14.08 -24.49 -15.41
C THR A 237 14.47 -25.11 -16.76
N ASP A 238 14.50 -26.45 -16.82
CA ASP A 238 14.82 -27.17 -18.05
C ASP A 238 13.89 -26.80 -19.21
N GLU A 239 12.59 -26.75 -18.94
CA GLU A 239 11.59 -26.41 -19.95
C GLU A 239 11.62 -24.94 -20.35
N LEU A 240 11.90 -24.07 -19.38
CA LEU A 240 11.92 -22.62 -19.61
C LEU A 240 13.17 -22.22 -20.39
N TYR A 241 14.32 -22.75 -19.98
CA TYR A 241 15.61 -22.39 -20.56
C TYR A 241 16.13 -23.42 -21.57
N ALA A 242 15.21 -24.10 -22.25
CA ALA A 242 15.54 -25.18 -23.19
C ALA A 242 16.37 -24.71 -24.39
N GLU A 243 16.05 -23.53 -24.91
CA GLU A 243 16.69 -23.00 -26.13
C GLU A 243 17.96 -22.20 -25.84
N THR A 244 18.41 -22.23 -24.58
CA THR A 244 19.59 -21.48 -24.13
C THR A 244 20.61 -22.42 -23.47
N PRO A 245 21.86 -21.95 -23.27
CA PRO A 245 22.82 -22.74 -22.51
C PRO A 245 23.00 -22.26 -21.06
N TRP A 246 21.93 -21.72 -20.47
CA TRP A 246 22.03 -21.07 -19.15
C TRP A 246 21.48 -21.88 -17.97
N ALA A 247 20.82 -23.01 -18.27
CA ALA A 247 20.14 -23.82 -17.24
C ALA A 247 20.98 -24.11 -15.99
N ASP A 248 22.24 -24.47 -16.20
CA ASP A 248 23.15 -24.83 -15.09
C ASP A 248 23.43 -23.66 -14.15
N ASP A 249 23.50 -22.45 -14.68
CA ASP A 249 23.72 -21.27 -13.85
C ASP A 249 22.45 -20.83 -13.11
N VAL A 250 21.29 -21.03 -13.74
CA VAL A 250 19.99 -20.76 -13.12
C VAL A 250 19.78 -21.66 -11.91
N LYS A 251 20.13 -22.95 -12.08
CA LYS A 251 20.01 -23.94 -11.02
C LYS A 251 20.94 -23.66 -9.85
N ALA A 252 22.15 -23.21 -10.15
CA ALA A 252 23.11 -22.80 -9.12
C ALA A 252 22.62 -21.58 -8.34
N PHE A 253 21.96 -20.67 -9.05
CA PHE A 253 21.34 -19.48 -8.47
C PHE A 253 20.13 -19.85 -7.62
N LEU A 254 19.42 -20.91 -8.02
CA LEU A 254 18.29 -21.44 -7.26
C LEU A 254 18.71 -22.05 -5.92
N CYS A 255 19.82 -22.80 -5.93
CA CYS A 255 20.36 -23.42 -4.72
C CYS A 255 20.89 -22.38 -3.73
N TYR A 256 21.47 -21.31 -4.29
CA TYR A 256 21.98 -20.18 -3.50
C TYR A 256 20.85 -19.48 -2.74
N ASN A 257 19.73 -19.25 -3.43
CA ASN A 257 18.57 -18.61 -2.83
C ASN A 257 17.75 -19.55 -1.92
N ALA A 258 17.84 -20.85 -2.18
CA ALA A 258 17.20 -21.85 -1.32
C ALA A 258 17.82 -21.86 0.07
N ASN A 259 19.14 -21.71 0.13
CA ASN A 259 19.87 -21.61 1.39
C ASN A 259 19.49 -20.36 2.18
N LYS A 260 19.19 -19.27 1.46
CA LYS A 260 18.74 -18.03 2.07
C LYS A 260 17.32 -18.14 2.62
N ALA A 261 16.48 -18.88 1.90
CA ALA A 261 15.10 -19.13 2.31
C ALA A 261 15.04 -19.98 3.59
N LEU A 262 15.93 -20.96 3.69
CA LEU A 262 16.06 -21.79 4.89
C LEU A 262 16.53 -20.96 6.08
N MET A 263 17.49 -20.08 5.85
CA MET A 263 18.05 -19.22 6.91
C MET A 263 17.04 -18.21 7.46
N ASN A 264 16.14 -17.73 6.59
CA ASN A 264 15.04 -16.87 7.00
C ASN A 264 14.12 -17.56 8.01
N LEU A 265 13.93 -18.87 7.84
CA LEU A 265 13.13 -19.69 8.74
C LEU A 265 13.92 -20.17 9.95
N GLY A 266 15.21 -19.84 9.98
CA GLY A 266 16.08 -20.19 11.11
C GLY A 266 16.73 -21.56 10.99
N TYR A 267 16.81 -22.08 9.76
CA TYR A 267 17.42 -23.38 9.51
C TYR A 267 18.78 -23.26 8.82
N GLU A 268 19.65 -24.24 9.08
CA GLU A 268 20.96 -24.33 8.45
C GLU A 268 20.82 -24.48 6.93
N PRO A 269 21.76 -23.88 6.17
CA PRO A 269 21.80 -24.10 4.72
C PRO A 269 22.04 -25.57 4.40
N LEU A 270 21.36 -26.07 3.37
CA LEU A 270 21.43 -27.48 2.99
C LEU A 270 22.29 -27.71 1.75
N PHE A 271 22.22 -26.77 0.81
CA PHE A 271 22.95 -26.88 -0.45
C PHE A 271 24.42 -26.48 -0.29
N PRO A 272 25.34 -27.38 -0.67
CA PRO A 272 26.78 -27.16 -0.54
C PRO A 272 27.31 -26.10 -1.50
N ALA A 273 28.55 -25.67 -1.27
CA ALA A 273 29.19 -24.60 -2.04
C ALA A 273 29.25 -24.88 -3.54
N GLU A 274 29.60 -26.11 -3.91
CA GLU A 274 29.76 -26.49 -5.32
C GLU A 274 28.44 -26.46 -6.12
N MET A 275 27.32 -26.58 -5.41
CA MET A 275 26.00 -26.52 -6.03
C MET A 275 25.46 -25.09 -6.07
N ALA A 276 25.95 -24.26 -5.15
CA ALA A 276 25.45 -22.89 -5.00
C ALA A 276 26.43 -21.82 -5.47
N GLU A 277 27.51 -22.24 -6.14
CA GLU A 277 28.50 -21.31 -6.67
C GLU A 277 27.93 -20.59 -7.89
N VAL A 278 27.44 -19.38 -7.66
CA VAL A 278 26.84 -18.56 -8.71
C VAL A 278 27.93 -17.78 -9.43
N ASN A 279 27.80 -17.65 -10.75
CA ASN A 279 28.65 -16.79 -11.56
C ASN A 279 28.69 -15.38 -10.96
N PRO A 280 29.89 -14.91 -10.55
CA PRO A 280 30.09 -13.62 -9.87
C PRO A 280 29.45 -12.42 -10.56
N ALA A 281 29.28 -12.49 -11.88
CA ALA A 281 28.63 -11.42 -12.64
C ALA A 281 27.14 -11.28 -12.32
N ILE A 282 26.50 -12.40 -11.95
CA ILE A 282 25.11 -12.40 -11.50
C ILE A 282 25.01 -11.77 -10.10
N LEU A 283 25.96 -12.12 -9.23
CA LEU A 283 26.03 -11.56 -7.88
C LEU A 283 26.33 -10.07 -7.88
N ALA A 284 27.18 -9.64 -8.81
CA ALA A 284 27.53 -8.23 -8.98
C ALA A 284 26.36 -7.40 -9.50
N ALA A 285 25.50 -8.03 -10.32
CA ALA A 285 24.29 -7.39 -10.82
C ALA A 285 23.27 -7.20 -9.70
N LEU A 286 23.29 -8.10 -8.73
CA LEU A 286 22.41 -8.06 -7.57
C LEU A 286 22.89 -7.01 -6.57
N SER A 287 24.20 -6.99 -6.31
CA SER A 287 24.82 -6.01 -5.41
C SER A 287 25.99 -5.30 -6.08
N PRO A 288 25.73 -4.14 -6.72
CA PRO A 288 26.78 -3.36 -7.38
C PRO A 288 27.69 -2.66 -6.38
N GLN B 23 39.63 -12.80 20.17
CA GLN B 23 38.36 -12.31 20.79
C GLN B 23 37.45 -11.64 19.77
N LEU B 24 36.15 -11.88 19.91
CA LEU B 24 35.15 -11.31 19.01
C LEU B 24 34.06 -10.58 19.78
N VAL B 25 33.63 -9.46 19.24
CA VAL B 25 32.48 -8.72 19.77
C VAL B 25 31.42 -8.67 18.67
N TYR B 26 30.17 -8.96 19.03
CA TYR B 26 29.08 -8.99 18.04
C TYR B 26 27.77 -8.42 18.57
N PHE B 27 26.94 -7.94 17.66
CA PHE B 27 25.57 -7.55 17.95
C PHE B 27 24.60 -8.41 17.16
N SER B 28 23.47 -8.73 17.77
CA SER B 28 22.42 -9.49 17.12
C SER B 28 21.06 -9.04 17.64
N SER B 29 20.11 -8.83 16.72
CA SER B 29 18.76 -8.43 17.09
C SER B 29 17.97 -9.63 17.61
N SER B 30 16.67 -9.42 17.86
CA SER B 30 15.79 -10.48 18.34
C SER B 30 15.57 -11.60 17.33
N SER B 31 15.89 -11.34 16.05
CA SER B 31 15.85 -12.37 15.01
C SER B 31 17.04 -13.33 15.10
N GLU B 32 18.13 -12.86 15.68
CA GLU B 32 19.30 -13.68 16.05
C GLU B 32 20.00 -14.43 14.89
N ASN B 33 20.08 -13.79 13.73
CA ASN B 33 20.84 -14.33 12.61
C ASN B 33 22.34 -14.33 12.88
N THR B 34 22.83 -13.21 13.43
CA THR B 34 24.25 -13.06 13.78
C THR B 34 24.61 -13.94 14.98
N GLN B 35 23.68 -14.07 15.92
CA GLN B 35 23.83 -14.95 17.08
C GLN B 35 24.08 -16.40 16.66
N ARG B 36 23.27 -16.89 15.71
CA ARG B 36 23.39 -18.24 15.18
C ARG B 36 24.70 -18.47 14.42
N PHE B 37 25.19 -17.41 13.78
CA PHE B 37 26.48 -17.45 13.07
C PHE B 37 27.65 -17.65 14.05
N ILE B 38 27.61 -16.92 15.16
CA ILE B 38 28.65 -17.00 16.19
C ILE B 38 28.67 -18.36 16.90
N GLU B 39 27.48 -18.93 17.11
CA GLU B 39 27.35 -20.26 17.73
C GLU B 39 27.97 -21.36 16.85
N ARG B 40 27.78 -21.24 15.54
CA ARG B 40 28.33 -22.19 14.58
C ARG B 40 29.82 -21.94 14.30
N LEU B 41 30.27 -20.72 14.57
CA LEU B 41 31.67 -20.34 14.37
C LEU B 41 32.57 -21.09 15.36
N GLY B 42 32.12 -21.21 16.60
CA GLY B 42 32.83 -21.97 17.63
C GLY B 42 33.88 -21.20 18.40
N LEU B 43 33.98 -19.90 18.14
CA LEU B 43 34.95 -19.04 18.81
C LEU B 43 34.30 -18.22 19.94
N PRO B 44 35.00 -18.07 21.07
CA PRO B 44 34.52 -17.27 22.20
C PRO B 44 34.23 -15.83 21.79
N ALA B 45 33.03 -15.34 22.12
CA ALA B 45 32.60 -14.00 21.74
C ALA B 45 31.69 -13.38 22.79
N VAL B 46 31.82 -12.07 22.96
CA VAL B 46 30.96 -11.31 23.85
C VAL B 46 29.93 -10.50 23.05
N ARG B 47 28.68 -10.55 23.50
CA ARG B 47 27.57 -9.91 22.80
C ARG B 47 27.27 -8.52 23.35
N ILE B 48 27.13 -7.55 22.45
CA ILE B 48 26.64 -6.22 22.81
C ILE B 48 25.16 -6.36 23.17
N PRO B 49 24.79 -6.00 24.41
CA PRO B 49 23.42 -6.19 24.92
C PRO B 49 22.35 -5.64 24.01
N LEU B 50 21.28 -6.42 23.83
CA LEU B 50 20.12 -6.03 23.03
C LEU B 50 19.40 -4.85 23.67
N ASN B 51 19.40 -4.83 25.01
CA ASN B 51 18.85 -3.74 25.79
C ASN B 51 19.70 -2.47 25.62
N GLU B 52 19.05 -1.40 25.17
CA GLU B 52 19.72 -0.12 24.87
C GLU B 52 20.28 0.58 26.12
N ARG B 53 19.68 0.28 27.27
CA ARG B 53 20.10 0.87 28.55
C ARG B 53 21.40 0.27 29.09
N GLU B 54 21.74 -0.94 28.65
CA GLU B 54 22.93 -1.64 29.15
C GLU B 54 24.20 -1.30 28.36
N ARG B 55 25.29 -1.09 29.10
CA ARG B 55 26.59 -0.77 28.51
C ARG B 55 27.64 -1.79 28.92
N ILE B 56 28.54 -2.13 28.00
CA ILE B 56 29.56 -3.15 28.23
C ILE B 56 30.95 -2.69 27.82
N GLN B 57 31.97 -3.22 28.50
CA GLN B 57 33.37 -2.90 28.18
C GLN B 57 34.23 -4.14 27.98
N VAL B 58 35.07 -4.10 26.94
CA VAL B 58 36.00 -5.18 26.63
C VAL B 58 37.43 -4.72 26.96
N ASP B 59 38.33 -5.67 27.21
CA ASP B 59 39.72 -5.36 27.56
C ASP B 59 40.73 -5.79 26.49
N GLU B 60 40.45 -6.91 25.83
CA GLU B 60 41.32 -7.44 24.79
C GLU B 60 40.99 -6.84 23.42
N PRO B 61 41.99 -6.79 22.51
CA PRO B 61 41.76 -6.40 21.11
C PRO B 61 40.79 -7.36 20.43
N TYR B 62 39.90 -6.81 19.60
CA TYR B 62 38.79 -7.60 19.05
C TYR B 62 38.46 -7.28 17.59
N ILE B 63 37.74 -8.22 16.96
CA ILE B 63 37.08 -7.98 15.69
C ILE B 63 35.58 -7.85 15.96
N LEU B 64 34.94 -6.88 15.31
CA LEU B 64 33.52 -6.61 15.53
C LEU B 64 32.66 -7.16 14.39
N ILE B 65 31.62 -7.92 14.75
CA ILE B 65 30.70 -8.49 13.77
C ILE B 65 29.30 -7.85 13.91
N VAL B 66 28.90 -7.12 12.87
CA VAL B 66 27.67 -6.30 12.91
C VAL B 66 26.74 -6.59 11.75
N PRO B 67 25.43 -6.72 12.02
CA PRO B 67 24.43 -6.73 10.95
C PRO B 67 24.08 -5.30 10.51
N SER B 68 23.66 -5.15 9.26
CA SER B 68 23.30 -3.86 8.72
C SER B 68 21.80 -3.60 8.85
N TYR B 69 21.44 -2.37 9.21
CA TYR B 69 20.03 -2.00 9.39
C TYR B 69 19.70 -0.61 8.83
N GLY B 70 20.19 -0.34 7.62
CA GLY B 70 19.91 0.91 6.92
C GLY B 70 18.47 0.97 6.42
N GLY B 71 17.81 2.08 6.71
CA GLY B 71 16.41 2.27 6.34
C GLY B 71 15.46 1.58 7.31
N GLY B 72 14.49 2.33 7.82
CA GLY B 72 13.51 1.79 8.76
C GLY B 72 13.85 2.05 10.21
N GLY B 73 15.07 1.68 10.60
CA GLY B 73 15.54 1.85 11.98
C GLY B 73 15.85 3.29 12.32
N THR B 74 17.07 3.71 11.99
CA THR B 74 17.53 5.07 12.27
C THR B 74 18.02 5.75 10.99
N ALA B 75 17.59 5.20 9.84
CA ALA B 75 18.06 5.61 8.51
C ALA B 75 19.54 5.28 8.25
N GLY B 76 20.27 5.00 9.32
CA GLY B 76 21.67 4.59 9.25
C GLY B 76 21.83 3.08 9.35
N ALA B 77 22.95 2.58 8.86
CA ALA B 77 23.22 1.14 8.80
C ALA B 77 23.61 0.53 10.14
N VAL B 78 24.30 1.30 10.97
CA VAL B 78 24.81 0.83 12.25
C VAL B 78 23.70 0.87 13.32
N PRO B 79 23.44 -0.27 13.99
CA PRO B 79 22.48 -0.34 15.09
C PRO B 79 22.86 0.59 16.25
N ARG B 80 21.85 1.11 16.94
CA ARG B 80 22.04 2.11 17.99
C ARG B 80 22.90 1.63 19.15
N GLN B 81 22.82 0.33 19.45
CA GLN B 81 23.59 -0.28 20.53
C GLN B 81 25.08 -0.38 20.19
N VAL B 82 25.39 -0.54 18.91
CA VAL B 82 26.77 -0.58 18.43
C VAL B 82 27.38 0.82 18.44
N ILE B 83 26.56 1.82 18.11
CA ILE B 83 26.98 3.23 18.16
C ILE B 83 27.36 3.61 19.59
N ARG B 84 26.53 3.22 20.55
CA ARG B 84 26.80 3.46 21.98
C ARG B 84 28.03 2.70 22.47
N PHE B 85 28.27 1.53 21.89
CA PHE B 85 29.44 0.72 22.21
C PHE B 85 30.73 1.39 21.74
N LEU B 86 30.70 1.91 20.51
CA LEU B 86 31.88 2.56 19.91
C LEU B 86 32.12 3.97 20.43
N ASN B 87 31.05 4.65 20.86
CA ASN B 87 31.15 5.99 21.45
C ASN B 87 32.00 6.02 22.73
N ASP B 88 32.08 4.88 23.39
CA ASP B 88 32.98 4.69 24.53
C ASP B 88 34.42 4.62 24.02
N GLU B 89 35.23 5.59 24.42
CA GLU B 89 36.62 5.72 23.97
C GLU B 89 37.48 4.50 24.35
N HIS B 90 37.08 3.81 25.42
CA HIS B 90 37.74 2.58 25.87
C HIS B 90 37.61 1.46 24.83
N ASN B 91 36.38 1.24 24.35
CA ASN B 91 36.09 0.17 23.40
C ASN B 91 36.65 0.44 22.00
N ARG B 92 36.53 1.68 21.53
CA ARG B 92 36.96 2.07 20.18
C ARG B 92 38.46 1.84 19.94
N ALA B 93 39.27 2.13 20.96
CA ALA B 93 40.73 2.00 20.88
C ALA B 93 41.20 0.56 20.73
N LEU B 94 40.34 -0.38 21.11
CA LEU B 94 40.67 -1.81 21.04
C LEU B 94 40.14 -2.50 19.78
N LEU B 95 39.37 -1.74 18.98
CA LEU B 95 38.85 -2.24 17.71
C LEU B 95 39.98 -2.46 16.71
N ARG B 96 40.02 -3.65 16.13
CA ARG B 96 41.12 -4.04 15.23
C ARG B 96 40.62 -4.37 13.83
N GLY B 97 39.36 -4.79 13.73
CA GLY B 97 38.75 -5.14 12.45
C GLY B 97 37.24 -5.27 12.53
N VAL B 98 36.57 -5.24 11.38
CA VAL B 98 35.11 -5.33 11.34
C VAL B 98 34.60 -6.30 10.27
N ILE B 99 33.59 -7.08 10.63
CA ILE B 99 32.91 -7.99 9.71
C ILE B 99 31.43 -7.60 9.63
N ALA B 100 30.94 -7.40 8.41
CA ALA B 100 29.56 -6.98 8.20
C ALA B 100 28.64 -8.13 7.80
N SER B 101 27.45 -8.15 8.39
CA SER B 101 26.41 -9.09 8.02
C SER B 101 25.26 -8.35 7.33
N GLY B 102 24.45 -9.09 6.58
CA GLY B 102 23.31 -8.49 5.88
C GLY B 102 22.66 -9.37 4.83
N ASN B 103 22.33 -8.77 3.70
CA ASN B 103 21.70 -9.47 2.58
C ASN B 103 22.04 -8.82 1.25
N ARG B 104 22.46 -9.64 0.30
CA ARG B 104 22.91 -9.17 -1.02
C ARG B 104 21.78 -8.51 -1.82
N ASN B 105 20.54 -8.86 -1.48
CA ASN B 105 19.35 -8.32 -2.14
C ASN B 105 19.13 -6.82 -1.90
N PHE B 106 19.90 -6.23 -0.98
CA PHE B 106 19.81 -4.80 -0.69
C PHE B 106 20.75 -3.94 -1.55
N GLY B 107 21.35 -4.55 -2.58
CA GLY B 107 22.15 -3.84 -3.56
C GLY B 107 23.45 -3.25 -3.02
N GLU B 108 23.62 -1.94 -3.25
CA GLU B 108 24.82 -1.22 -2.80
C GLU B 108 24.91 -1.09 -1.27
N ALA B 109 23.78 -1.27 -0.60
CA ALA B 109 23.71 -1.17 0.86
C ALA B 109 24.06 -2.48 1.57
N TYR B 110 24.46 -3.50 0.79
CA TYR B 110 24.81 -4.81 1.34
C TYR B 110 26.07 -4.74 2.21
N GLY B 111 25.88 -4.96 3.51
CA GLY B 111 26.96 -4.92 4.49
C GLY B 111 27.50 -3.52 4.72
N ARG B 112 26.65 -2.51 4.50
CA ARG B 112 27.08 -1.12 4.58
C ARG B 112 27.50 -0.67 5.99
N ALA B 113 27.04 -1.40 7.01
CA ALA B 113 27.44 -1.15 8.39
C ALA B 113 28.93 -1.40 8.59
N GLY B 114 29.49 -2.30 7.78
CA GLY B 114 30.91 -2.64 7.84
C GLY B 114 31.84 -1.51 7.42
N ASP B 115 31.60 -0.96 6.22
CA ASP B 115 32.47 0.10 5.71
C ASP B 115 32.20 1.48 6.32
N VAL B 116 31.10 1.59 7.07
CA VAL B 116 30.82 2.81 7.84
C VAL B 116 31.71 2.84 9.09
N ILE B 117 31.77 1.71 9.80
CA ILE B 117 32.63 1.56 10.98
C ILE B 117 34.11 1.53 10.57
N ALA B 118 34.39 0.94 9.40
CA ALA B 118 35.74 0.87 8.86
C ALA B 118 36.28 2.25 8.46
N ARG B 119 35.40 3.08 7.91
CA ARG B 119 35.75 4.44 7.49
C ARG B 119 35.89 5.39 8.67
N LYS B 120 34.97 5.30 9.62
CA LYS B 120 34.92 6.20 10.77
C LYS B 120 36.04 5.93 11.80
N CYS B 121 36.38 4.66 11.99
CA CYS B 121 37.35 4.26 13.01
C CYS B 121 38.74 3.95 12.48
N GLY B 122 38.86 3.87 11.15
CA GLY B 122 40.15 3.61 10.50
C GLY B 122 40.64 2.18 10.63
N VAL B 123 39.69 1.24 10.62
CA VAL B 123 40.00 -0.19 10.71
C VAL B 123 39.69 -0.91 9.40
N PRO B 124 40.35 -2.05 9.13
CA PRO B 124 40.06 -2.79 7.89
C PRO B 124 38.71 -3.51 7.92
N TRP B 125 37.98 -3.43 6.82
CA TRP B 125 36.73 -4.18 6.65
C TRP B 125 37.08 -5.55 6.08
N LEU B 126 36.97 -6.57 6.92
CA LEU B 126 37.52 -7.90 6.63
C LEU B 126 36.63 -8.81 5.79
N TYR B 127 35.34 -8.87 6.12
CA TYR B 127 34.44 -9.83 5.50
C TYR B 127 32.99 -9.37 5.47
N ARG B 128 32.26 -9.82 4.45
CA ARG B 128 30.81 -9.63 4.36
C ARG B 128 30.13 -10.99 4.15
N PHE B 129 29.02 -11.20 4.85
CA PHE B 129 28.24 -12.43 4.69
C PHE B 129 26.73 -12.19 4.86
N GLU B 130 25.93 -13.20 4.54
CA GLU B 130 24.48 -13.08 4.53
C GLU B 130 23.80 -13.88 5.64
N LEU B 131 22.86 -13.24 6.32
CA LEU B 131 22.00 -13.86 7.33
C LEU B 131 22.79 -14.60 8.43
N MET B 132 22.61 -15.91 8.54
CA MET B 132 23.35 -16.69 9.54
C MET B 132 24.64 -17.31 8.99
N GLY B 133 24.92 -17.03 7.72
CA GLY B 133 26.17 -17.47 7.08
C GLY B 133 26.16 -18.90 6.60
N THR B 134 26.81 -19.13 5.46
CA THR B 134 26.95 -20.47 4.90
C THR B 134 28.12 -21.18 5.57
N GLN B 135 28.33 -22.46 5.24
CA GLN B 135 29.45 -23.23 5.76
C GLN B 135 30.78 -22.70 5.20
N SER B 136 30.72 -22.17 3.98
CA SER B 136 31.87 -21.50 3.37
C SER B 136 32.26 -20.26 4.16
N ASP B 137 31.26 -19.47 4.55
CA ASP B 137 31.46 -18.26 5.35
C ASP B 137 32.11 -18.57 6.70
N ILE B 138 31.62 -19.62 7.36
CA ILE B 138 32.18 -20.05 8.65
C ILE B 138 33.65 -20.46 8.52
N GLU B 139 33.96 -21.25 7.51
CA GLU B 139 35.33 -21.72 7.25
C GLU B 139 36.27 -20.58 6.85
N ASN B 140 35.76 -19.62 6.11
CA ASN B 140 36.53 -18.44 5.68
C ASN B 140 36.82 -17.49 6.84
N VAL B 141 35.86 -17.35 7.75
CA VAL B 141 36.04 -16.51 8.94
C VAL B 141 36.96 -17.21 9.96
N ARG B 142 36.82 -18.52 10.11
CA ARG B 142 37.71 -19.32 10.95
C ARG B 142 39.17 -19.13 10.53
N LYS B 143 39.43 -19.30 9.24
CA LYS B 143 40.77 -19.16 8.67
C LYS B 143 41.22 -17.68 8.69
N GLY B 144 40.28 -16.78 8.45
CA GLY B 144 40.54 -15.34 8.42
C GLY B 144 40.97 -14.76 9.75
N VAL B 145 40.24 -15.10 10.81
CA VAL B 145 40.51 -14.58 12.16
C VAL B 145 41.82 -15.13 12.72
N THR B 146 42.05 -16.43 12.57
CA THR B 146 43.29 -17.07 13.03
C THR B 146 44.55 -16.49 12.38
N GLU B 147 44.45 -16.18 11.10
CA GLU B 147 45.55 -15.56 10.35
C GLU B 147 45.70 -14.06 10.68
N PHE B 148 44.60 -13.43 11.07
CA PHE B 148 44.58 -12.00 11.38
C PHE B 148 45.39 -11.65 12.62
N TRP B 149 45.29 -12.50 13.65
CA TRP B 149 45.92 -12.22 14.94
C TRP B 149 47.42 -12.53 14.98
N GLN B 150 48.00 -12.77 13.81
CA GLN B 150 49.45 -12.78 13.66
C GLN B 150 49.90 -11.47 13.01
N ARG B 151 49.41 -10.36 13.58
CA ARG B 151 49.73 -9.01 13.11
C ARG B 151 49.45 -7.98 14.20
N ARG C 5 -7.36 -22.68 -10.65
CA ARG C 5 -8.13 -21.85 -9.70
C ARG C 5 -7.82 -20.35 -9.89
N ILE C 6 -6.56 -19.98 -9.65
CA ILE C 6 -6.13 -18.59 -9.74
C ILE C 6 -5.51 -18.29 -11.12
N SER C 7 -5.92 -17.18 -11.71
CA SER C 7 -5.44 -16.76 -13.01
C SER C 7 -4.54 -15.52 -12.89
N ALA C 8 -3.53 -15.45 -13.76
CA ALA C 8 -2.59 -14.33 -13.78
C ALA C 8 -3.29 -13.03 -14.20
N ILE C 9 -3.14 -12.00 -13.39
CA ILE C 9 -3.77 -10.70 -13.65
C ILE C 9 -3.14 -9.99 -14.86
N ASN C 10 -3.98 -9.44 -15.72
CA ASN C 10 -3.53 -8.74 -16.91
C ASN C 10 -4.07 -7.32 -16.93
N TRP C 11 -3.18 -6.35 -16.69
CA TRP C 11 -3.55 -4.93 -16.66
C TRP C 11 -3.64 -4.31 -18.05
N ASN C 12 -3.38 -5.12 -19.08
CA ASN C 12 -3.60 -4.73 -20.46
C ASN C 12 -4.88 -5.34 -21.03
N LYS C 13 -5.61 -6.04 -20.15
CA LYS C 13 -6.92 -6.60 -20.47
C LYS C 13 -7.95 -6.09 -19.46
N ILE C 14 -8.16 -4.78 -19.46
CA ILE C 14 -9.07 -4.12 -18.52
C ILE C 14 -10.53 -4.30 -18.94
N SER C 15 -11.34 -4.79 -18.01
CA SER C 15 -12.79 -4.95 -18.24
C SER C 15 -13.54 -3.64 -17.96
N ASP C 16 -13.33 -3.10 -16.77
CA ASP C 16 -13.95 -1.84 -16.37
C ASP C 16 -12.86 -0.79 -16.19
N ASP C 17 -12.92 0.23 -17.06
CA ASP C 17 -11.90 1.31 -17.09
C ASP C 17 -11.72 2.02 -15.75
N LYS C 18 -12.79 2.04 -14.95
CA LYS C 18 -12.75 2.67 -13.62
C LYS C 18 -11.78 2.01 -12.64
N ASP C 19 -11.56 0.71 -12.80
CA ASP C 19 -10.61 -0.04 -11.97
C ASP C 19 -9.20 0.54 -12.09
N LEU C 20 -8.75 0.74 -13.34
CA LEU C 20 -7.44 1.29 -13.64
C LEU C 20 -7.37 2.77 -13.23
N GLU C 21 -8.45 3.48 -13.49
CA GLU C 21 -8.58 4.90 -13.17
C GLU C 21 -8.40 5.16 -11.67
N VAL C 22 -9.03 4.33 -10.85
CA VAL C 22 -8.97 4.45 -9.39
C VAL C 22 -7.65 3.90 -8.84
N TRP C 23 -7.15 2.83 -9.44
CA TRP C 23 -5.83 2.29 -9.10
C TRP C 23 -4.76 3.38 -9.24
N ASN C 24 -4.73 4.04 -10.39
CA ASN C 24 -3.76 5.10 -10.67
C ASN C 24 -3.91 6.31 -9.76
N ARG C 25 -5.15 6.67 -9.46
CA ARG C 25 -5.43 7.82 -8.60
C ARG C 25 -5.00 7.58 -7.17
N LEU C 26 -5.30 6.39 -6.64
CA LEU C 26 -4.98 6.05 -5.25
C LEU C 26 -3.49 5.79 -5.02
N THR C 27 -2.85 5.06 -5.93
CA THR C 27 -1.44 4.71 -5.77
C THR C 27 -0.49 5.90 -5.98
N SER C 28 -0.85 6.81 -6.87
CA SER C 28 -0.04 8.01 -7.13
C SER C 28 -0.27 9.08 -6.05
N ASN C 29 -1.34 8.93 -5.28
CA ASN C 29 -1.62 9.80 -4.14
C ASN C 29 -1.08 9.23 -2.83
N PHE C 30 -0.16 8.28 -2.93
CA PHE C 30 0.47 7.67 -1.76
C PHE C 30 1.16 8.71 -0.89
N TRP C 31 1.02 8.54 0.41
CA TRP C 31 1.59 9.44 1.40
C TRP C 31 1.81 8.70 2.72
N LEU C 32 2.72 9.25 3.54
CA LEU C 32 2.93 8.78 4.90
C LEU C 32 2.90 9.98 5.85
N PRO C 33 2.46 9.77 7.11
CA PRO C 33 2.40 10.85 8.09
C PRO C 33 3.75 11.54 8.37
N GLU C 34 4.84 10.81 8.14
CA GLU C 34 6.20 11.32 8.32
C GLU C 34 6.55 12.43 7.33
N LYS C 35 5.86 12.45 6.18
CA LYS C 35 6.07 13.46 5.15
C LYS C 35 5.48 14.82 5.54
N VAL C 36 4.58 14.81 6.53
CA VAL C 36 3.96 16.03 7.04
C VAL C 36 4.77 16.55 8.25
N PRO C 37 5.21 17.82 8.19
CA PRO C 37 5.93 18.43 9.31
C PRO C 37 5.03 18.75 10.50
N LEU C 38 4.68 17.72 11.28
CA LEU C 38 3.76 17.84 12.42
C LEU C 38 4.35 18.59 13.60
N SER C 39 5.69 18.68 13.65
CA SER C 39 6.40 19.36 14.73
C SER C 39 6.16 20.87 14.77
N ASN C 40 5.79 21.44 13.63
CA ASN C 40 5.48 22.87 13.53
C ASN C 40 4.15 23.25 14.19
N ASP C 41 3.42 22.25 14.70
CA ASP C 41 2.13 22.46 15.34
C ASP C 41 2.22 22.52 16.87
N ILE C 42 3.39 22.19 17.42
CA ILE C 42 3.61 22.21 18.88
C ILE C 42 3.38 23.60 19.51
N PRO C 43 3.88 24.69 18.88
CA PRO C 43 3.58 26.02 19.42
C PRO C 43 2.09 26.34 19.41
N ALA C 44 1.34 25.77 18.46
CA ALA C 44 -0.10 25.97 18.34
C ALA C 44 -0.89 25.10 19.32
N TRP C 45 -0.37 23.91 19.61
CA TRP C 45 -0.98 22.98 20.57
C TRP C 45 -0.96 23.53 21.99
N GLN C 46 0.04 24.39 22.26
CA GLN C 46 0.18 25.06 23.54
C GLN C 46 -0.95 26.06 23.80
N THR C 47 -1.33 26.79 22.75
CA THR C 47 -2.33 27.87 22.86
C THR C 47 -3.75 27.35 23.10
N LEU C 48 -3.99 26.08 22.78
CA LEU C 48 -5.30 25.46 22.97
C LEU C 48 -5.63 25.28 24.45
N THR C 49 -6.92 25.36 24.78
CA THR C 49 -7.40 25.11 26.14
C THR C 49 -7.38 23.62 26.44
N VAL C 50 -7.51 23.27 27.72
CA VAL C 50 -7.57 21.87 28.16
C VAL C 50 -8.75 21.15 27.50
N VAL C 51 -9.88 21.84 27.41
CA VAL C 51 -11.08 21.34 26.75
C VAL C 51 -10.81 20.98 25.28
N GLU C 52 -10.18 21.91 24.56
CA GLU C 52 -9.84 21.72 23.15
C GLU C 52 -8.84 20.59 22.92
N GLN C 53 -7.89 20.46 23.83
CA GLN C 53 -6.88 19.39 23.78
C GLN C 53 -7.52 18.03 24.03
N GLN C 54 -8.37 17.96 25.05
CA GLN C 54 -9.10 16.74 25.41
C GLN C 54 -10.04 16.30 24.28
N LEU C 55 -10.70 17.27 23.66
CA LEU C 55 -11.58 17.02 22.52
C LEU C 55 -10.81 16.47 21.32
N THR C 56 -9.63 17.03 21.07
CA THR C 56 -8.76 16.61 19.96
C THR C 56 -8.36 15.13 20.08
N MET C 57 -7.91 14.74 21.27
CA MET C 57 -7.45 13.38 21.52
C MET C 57 -8.60 12.36 21.46
N ARG C 58 -9.76 12.74 21.98
CA ARG C 58 -10.95 11.89 21.95
C ARG C 58 -11.48 11.67 20.54
N VAL C 59 -11.34 12.70 19.70
CA VAL C 59 -11.71 12.62 18.28
C VAL C 59 -10.84 11.60 17.54
N PHE C 60 -9.52 11.71 17.71
CA PHE C 60 -8.59 10.85 16.97
C PHE C 60 -8.50 9.42 17.47
N THR C 61 -8.73 9.20 18.77
CA THR C 61 -8.80 7.84 19.32
C THR C 61 -10.04 7.12 18.80
N GLY C 62 -11.12 7.87 18.57
CA GLY C 62 -12.33 7.35 17.95
C GLY C 62 -12.10 6.98 16.49
N LEU C 63 -11.42 7.86 15.77
CA LEU C 63 -11.12 7.65 14.34
C LEU C 63 -10.11 6.52 14.11
N THR C 64 -9.26 6.28 15.11
CA THR C 64 -8.29 5.19 15.06
C THR C 64 -9.00 3.83 15.08
N LEU C 65 -10.03 3.73 15.92
CA LEU C 65 -10.82 2.51 16.05
C LEU C 65 -11.51 2.14 14.74
N LEU C 66 -12.10 3.13 14.08
CA LEU C 66 -12.89 2.90 12.88
C LEU C 66 -12.04 2.64 11.64
N ASP C 67 -10.86 3.27 11.57
CA ASP C 67 -9.90 3.01 10.50
C ASP C 67 -9.24 1.64 10.62
N THR C 68 -9.05 1.18 11.86
CA THR C 68 -8.55 -0.17 12.13
C THR C 68 -9.59 -1.20 11.69
N LEU C 69 -10.87 -0.88 11.92
CA LEU C 69 -11.99 -1.70 11.47
C LEU C 69 -12.03 -1.82 9.95
N GLN C 70 -11.76 -0.71 9.26
CA GLN C 70 -11.72 -0.68 7.79
C GLN C 70 -10.56 -1.49 7.23
N ASN C 71 -9.42 -1.44 7.92
CA ASN C 71 -8.22 -2.19 7.54
C ASN C 71 -8.39 -3.69 7.70
N VAL C 72 -8.80 -4.11 8.90
CA VAL C 72 -8.88 -5.53 9.27
C VAL C 72 -10.09 -6.23 8.65
N ILE C 73 -11.28 -5.63 8.81
CA ILE C 73 -12.53 -6.25 8.37
C ILE C 73 -13.15 -5.54 7.17
N GLY C 74 -13.22 -4.21 7.22
CA GLY C 74 -13.91 -3.39 6.20
C GLY C 74 -13.63 -3.73 4.75
N ALA C 75 -12.44 -3.33 4.28
CA ALA C 75 -12.03 -3.54 2.89
C ALA C 75 -11.93 -5.01 2.46
N PRO C 76 -11.34 -5.88 3.31
CA PRO C 76 -11.22 -7.31 2.95
C PRO C 76 -12.55 -8.04 2.75
N SER C 77 -13.61 -7.60 3.43
CA SER C 77 -14.92 -8.23 3.32
C SER C 77 -15.58 -7.96 1.96
N LEU C 78 -15.09 -6.93 1.26
CA LEU C 78 -15.60 -6.58 -0.07
C LEU C 78 -14.92 -7.39 -1.18
N MET C 79 -13.78 -8.00 -0.86
CA MET C 79 -12.95 -8.71 -1.84
C MET C 79 -13.60 -9.93 -2.50
N PRO C 80 -14.35 -10.76 -1.73
CA PRO C 80 -15.01 -11.90 -2.37
C PRO C 80 -16.12 -11.51 -3.35
N ASP C 81 -16.58 -10.26 -3.24
CA ASP C 81 -17.69 -9.76 -4.06
C ASP C 81 -17.20 -8.90 -5.24
N ALA C 82 -15.89 -8.87 -5.46
CA ALA C 82 -15.30 -8.10 -6.55
C ALA C 82 -15.72 -8.62 -7.92
N LEU C 83 -16.07 -7.71 -8.82
CA LEU C 83 -16.53 -8.06 -10.16
C LEU C 83 -15.36 -8.43 -11.08
N THR C 84 -14.23 -7.75 -10.89
CA THR C 84 -13.04 -7.96 -11.71
C THR C 84 -11.83 -8.29 -10.82
N PRO C 85 -10.82 -8.99 -11.39
CA PRO C 85 -9.57 -9.22 -10.66
C PRO C 85 -8.81 -7.93 -10.36
N HIS C 86 -9.05 -6.89 -11.17
CA HIS C 86 -8.44 -5.59 -10.98
C HIS C 86 -9.04 -4.84 -9.80
N GLU C 87 -10.32 -5.12 -9.51
CA GLU C 87 -11.01 -4.57 -8.35
C GLU C 87 -10.41 -5.15 -7.06
N GLU C 88 -10.02 -6.42 -7.10
CA GLU C 88 -9.37 -7.10 -5.97
C GLU C 88 -8.04 -6.42 -5.61
N ALA C 89 -7.29 -6.01 -6.63
CA ALA C 89 -6.01 -5.33 -6.45
C ALA C 89 -6.19 -3.91 -5.88
N VAL C 90 -7.21 -3.21 -6.37
CA VAL C 90 -7.55 -1.87 -5.88
C VAL C 90 -7.96 -1.91 -4.40
N LEU C 91 -8.69 -2.96 -4.02
CA LEU C 91 -9.11 -3.15 -2.63
C LEU C 91 -7.93 -3.44 -1.69
N SER C 92 -6.88 -4.08 -2.23
CA SER C 92 -5.63 -4.30 -1.50
C SER C 92 -4.95 -2.98 -1.14
N ASN C 93 -5.01 -2.03 -2.07
CA ASN C 93 -4.50 -0.67 -1.83
C ASN C 93 -5.34 0.05 -0.78
N ILE C 94 -6.66 -0.08 -0.90
CA ILE C 94 -7.60 0.54 0.03
C ILE C 94 -7.40 0.03 1.46
N SER C 95 -7.26 -1.28 1.61
CA SER C 95 -7.00 -1.90 2.92
C SER C 95 -5.71 -1.39 3.55
N PHE C 96 -4.63 -1.36 2.77
CA PHE C 96 -3.33 -0.86 3.24
C PHE C 96 -3.40 0.61 3.67
N MET C 97 -4.06 1.44 2.88
CA MET C 97 -4.15 2.87 3.19
C MET C 97 -5.00 3.17 4.42
N GLU C 98 -5.90 2.25 4.77
CA GLU C 98 -6.65 2.34 6.02
C GLU C 98 -5.74 2.19 7.24
N ALA C 99 -4.72 1.35 7.09
CA ALA C 99 -3.71 1.16 8.14
C ALA C 99 -2.79 2.38 8.24
N VAL C 100 -2.57 3.04 7.10
CA VAL C 100 -1.80 4.29 7.07
C VAL C 100 -2.56 5.41 7.77
N HIS C 101 -3.88 5.46 7.56
CA HIS C 101 -4.74 6.43 8.23
C HIS C 101 -4.71 6.25 9.75
N ALA C 102 -4.91 5.01 10.20
CA ALA C 102 -4.89 4.67 11.62
C ALA C 102 -3.53 4.93 12.26
N ARG C 103 -2.46 4.66 11.51
CA ARG C 103 -1.09 4.91 11.97
C ARG C 103 -0.83 6.40 12.16
N SER C 104 -1.38 7.21 11.26
CA SER C 104 -1.16 8.66 11.27
C SER C 104 -1.73 9.36 12.51
N TYR C 105 -2.76 8.77 13.10
CA TYR C 105 -3.34 9.30 14.34
C TYR C 105 -2.38 9.12 15.52
N SER C 106 -1.63 8.01 15.52
CA SER C 106 -0.58 7.77 16.52
C SER C 106 0.59 8.73 16.36
N SER C 107 0.85 9.15 15.12
CA SER C 107 1.89 10.14 14.83
C SER C 107 1.54 11.51 15.41
N ILE C 108 0.25 11.86 15.40
CA ILE C 108 -0.23 13.10 15.98
C ILE C 108 -0.07 13.09 17.51
N PHE C 109 -0.38 11.95 18.13
CA PHE C 109 -0.23 11.77 19.57
C PHE C 109 1.23 11.83 20.02
N SER C 110 2.09 11.16 19.25
CA SER C 110 3.51 11.05 19.55
C SER C 110 4.23 12.40 19.49
N THR C 111 3.80 13.25 18.55
CA THR C 111 4.43 14.54 18.32
C THR C 111 3.90 15.64 19.26
N LEU C 112 2.59 15.66 19.47
CA LEU C 112 1.94 16.79 20.15
C LEU C 112 1.49 16.51 21.59
N CYS C 113 1.10 15.26 21.86
CA CYS C 113 0.39 14.93 23.09
C CYS C 113 1.23 14.17 24.13
N GLN C 114 0.74 14.17 25.37
CA GLN C 114 1.35 13.43 26.47
C GLN C 114 0.70 12.05 26.59
N THR C 115 1.53 11.04 26.86
CA THR C 115 1.08 9.64 26.95
C THR C 115 -0.09 9.43 27.91
N LYS C 116 -0.02 10.07 29.07
CA LYS C 116 -1.05 9.96 30.11
C LYS C 116 -2.43 10.37 29.60
N ASP C 117 -2.51 11.54 28.96
CA ASP C 117 -3.76 12.08 28.44
C ASP C 117 -4.29 11.27 27.24
N VAL C 118 -3.38 10.76 26.43
CA VAL C 118 -3.71 9.93 25.27
C VAL C 118 -4.35 8.60 25.72
N ASP C 119 -3.74 7.96 26.70
CA ASP C 119 -4.27 6.70 27.26
C ASP C 119 -5.63 6.89 27.91
N ALA C 120 -5.87 8.08 28.47
CA ALA C 120 -7.18 8.44 29.03
C ALA C 120 -8.21 8.62 27.93
N ALA C 121 -7.79 9.15 26.79
CA ALA C 121 -8.66 9.32 25.63
C ALA C 121 -9.01 7.98 24.99
N TYR C 122 -8.04 7.06 24.96
CA TYR C 122 -8.27 5.68 24.51
C TYR C 122 -9.29 4.97 25.40
N ALA C 123 -9.16 5.16 26.71
CA ALA C 123 -10.07 4.58 27.69
C ALA C 123 -11.48 5.19 27.59
N TRP C 124 -11.53 6.49 27.30
CA TRP C 124 -12.79 7.21 27.11
C TRP C 124 -13.54 6.71 25.88
N SER C 125 -12.79 6.38 24.83
CA SER C 125 -13.36 5.85 23.58
C SER C 125 -13.90 4.43 23.73
N GLU C 126 -13.23 3.62 24.53
CA GLU C 126 -13.63 2.24 24.79
C GLU C 126 -14.94 2.13 25.56
N GLU C 127 -15.19 3.11 26.43
CA GLU C 127 -16.39 3.10 27.29
C GLU C 127 -17.55 3.90 26.68
N ASN C 128 -17.26 4.62 25.60
CA ASN C 128 -18.26 5.45 24.93
C ASN C 128 -19.29 4.63 24.18
N ALA C 129 -20.54 4.73 24.60
CA ALA C 129 -21.64 3.92 24.06
C ALA C 129 -21.96 4.15 22.57
N PRO C 130 -22.07 5.41 22.13
CA PRO C 130 -22.38 5.67 20.71
C PRO C 130 -21.29 5.20 19.74
N LEU C 131 -20.02 5.35 20.12
CA LEU C 131 -18.90 4.91 19.28
C LEU C 131 -18.88 3.38 19.12
N GLN C 132 -19.17 2.68 20.21
CA GLN C 132 -19.19 1.21 20.21
C GLN C 132 -20.38 0.64 19.45
N ARG C 133 -21.53 1.30 19.56
CA ARG C 133 -22.72 0.90 18.79
C ARG C 133 -22.49 1.08 17.30
N LYS C 134 -21.89 2.21 16.93
CA LYS C 134 -21.52 2.51 15.55
C LYS C 134 -20.60 1.43 14.98
N ALA C 135 -19.58 1.07 15.77
CA ALA C 135 -18.64 0.02 15.39
C ALA C 135 -19.35 -1.33 15.20
N GLN C 136 -20.27 -1.65 16.12
CA GLN C 136 -21.02 -2.91 16.10
C GLN C 136 -21.95 -3.02 14.89
N ILE C 137 -22.76 -1.99 14.66
CA ILE C 137 -23.71 -1.94 13.55
C ILE C 137 -22.99 -2.13 12.21
N ILE C 138 -21.92 -1.36 12.00
CA ILE C 138 -21.14 -1.42 10.77
C ILE C 138 -20.45 -2.78 10.60
N GLN C 139 -19.92 -3.32 11.70
CA GLN C 139 -19.22 -4.60 11.69
C GLN C 139 -20.15 -5.79 11.44
N GLN C 140 -21.40 -5.68 11.91
CA GLN C 140 -22.38 -6.74 11.73
C GLN C 140 -22.79 -6.90 10.27
N HIS C 141 -22.84 -5.77 9.55
CA HIS C 141 -23.13 -5.80 8.12
C HIS C 141 -21.96 -6.34 7.29
N TYR C 142 -20.73 -6.14 7.79
CA TYR C 142 -19.54 -6.69 7.15
C TYR C 142 -19.47 -8.22 7.27
N ARG C 143 -19.99 -8.75 8.38
CA ARG C 143 -20.01 -10.19 8.63
C ARG C 143 -21.28 -10.86 8.09
N GLY C 144 -22.17 -10.05 7.51
CA GLY C 144 -23.43 -10.55 6.96
C GLY C 144 -23.29 -11.32 5.67
N ASP C 145 -24.42 -11.77 5.13
CA ASP C 145 -24.44 -12.56 3.89
C ASP C 145 -24.74 -11.74 2.64
N ASP C 146 -25.09 -10.47 2.82
CA ASP C 146 -25.47 -9.59 1.72
C ASP C 146 -24.30 -8.72 1.28
N PRO C 147 -23.79 -8.95 0.04
CA PRO C 147 -22.65 -8.22 -0.51
C PRO C 147 -22.90 -6.71 -0.66
N LEU C 148 -24.13 -6.35 -1.01
CA LEU C 148 -24.49 -4.95 -1.26
C LEU C 148 -24.62 -4.12 0.01
N LYS C 149 -25.05 -4.77 1.09
CA LYS C 149 -25.17 -4.12 2.40
C LYS C 149 -23.81 -3.75 2.99
N LYS C 150 -22.80 -4.54 2.67
CA LYS C 150 -21.42 -4.27 3.06
C LYS C 150 -20.90 -2.98 2.44
N LYS C 151 -21.23 -2.77 1.17
CA LYS C 151 -20.83 -1.58 0.42
C LYS C 151 -21.53 -0.32 0.93
N ILE C 152 -22.79 -0.46 1.32
CA ILE C 152 -23.57 0.64 1.90
C ILE C 152 -22.93 1.10 3.22
N ALA C 153 -22.62 0.14 4.09
CA ALA C 153 -22.01 0.41 5.39
C ALA C 153 -20.64 1.10 5.26
N SER C 154 -19.85 0.66 4.29
CA SER C 154 -18.52 1.22 4.06
C SER C 154 -18.57 2.66 3.56
N VAL C 155 -19.52 2.94 2.67
CA VAL C 155 -19.73 4.30 2.16
C VAL C 155 -20.25 5.22 3.28
N PHE C 156 -21.21 4.74 4.04
CA PHE C 156 -21.78 5.51 5.16
C PHE C 156 -20.76 5.84 6.25
N LEU C 157 -19.82 4.95 6.50
CA LEU C 157 -18.82 5.14 7.54
C LEU C 157 -17.83 6.26 7.20
N GLU C 158 -17.23 6.20 6.02
CA GLU C 158 -16.12 7.10 5.66
C GLU C 158 -16.47 8.24 4.69
N SER C 159 -17.71 8.26 4.18
CA SER C 159 -18.19 9.41 3.42
C SER C 159 -19.17 10.25 4.24
N PHE C 160 -19.48 9.80 5.45
CA PHE C 160 -20.46 10.47 6.30
C PHE C 160 -20.09 10.48 7.80
N LEU C 161 -20.01 9.31 8.42
CA LEU C 161 -19.83 9.20 9.88
C LEU C 161 -18.53 9.80 10.41
N PHE C 162 -17.45 9.63 9.64
CA PHE C 162 -16.12 10.13 10.01
C PHE C 162 -16.05 11.66 10.19
N TYR C 163 -16.96 12.38 9.52
CA TYR C 163 -16.90 13.84 9.47
C TYR C 163 -17.31 14.55 10.77
N SER C 164 -17.85 13.80 11.72
CA SER C 164 -18.08 14.32 13.07
C SER C 164 -16.74 14.59 13.75
N GLY C 165 -15.74 13.80 13.37
CA GLY C 165 -14.37 13.97 13.84
C GLY C 165 -13.54 14.87 12.93
N PHE C 166 -13.76 14.76 11.62
CA PHE C 166 -13.04 15.57 10.63
C PHE C 166 -13.31 17.07 10.77
N TRP C 167 -14.45 17.41 11.36
CA TRP C 167 -14.86 18.81 11.55
C TRP C 167 -13.83 19.62 12.34
N LEU C 168 -13.26 19.00 13.37
CA LEU C 168 -12.37 19.68 14.31
C LEU C 168 -11.06 20.22 13.70
N PRO C 169 -10.29 19.37 12.99
CA PRO C 169 -9.10 19.91 12.31
C PRO C 169 -9.42 20.96 11.24
N MET C 170 -10.60 20.86 10.64
CA MET C 170 -11.05 21.85 9.67
C MET C 170 -11.38 23.19 10.33
N TYR C 171 -11.98 23.12 11.53
CA TYR C 171 -12.29 24.33 12.30
C TYR C 171 -11.02 25.02 12.79
N PHE C 172 -10.07 24.23 13.30
CA PHE C 172 -8.79 24.76 13.75
C PHE C 172 -8.04 25.42 12.61
N SER C 173 -8.13 24.83 11.41
CA SER C 173 -7.52 25.36 10.20
C SER C 173 -8.01 26.77 9.87
N SER C 174 -9.32 27.00 10.06
CA SER C 174 -9.92 28.31 9.80
C SER C 174 -9.52 29.37 10.84
N ARG C 175 -9.18 28.90 12.05
CA ARG C 175 -8.68 29.78 13.10
C ARG C 175 -7.15 29.94 13.06
N GLY C 176 -6.52 29.32 12.08
CA GLY C 176 -5.06 29.38 11.90
C GLY C 176 -4.29 28.54 12.90
N LYS C 177 -4.97 27.57 13.51
CA LYS C 177 -4.37 26.68 14.50
C LYS C 177 -4.19 25.27 13.93
N LEU C 178 -3.12 24.60 14.37
CA LEU C 178 -2.80 23.23 13.93
C LEU C 178 -2.97 23.02 12.42
N THR C 179 -2.27 23.84 11.64
CA THR C 179 -2.40 23.83 10.18
C THR C 179 -1.83 22.56 9.54
N ASN C 180 -0.74 22.05 10.11
CA ASN C 180 -0.09 20.84 9.61
C ASN C 180 -0.90 19.57 9.89
N THR C 181 -1.56 19.52 11.04
CA THR C 181 -2.46 18.44 11.39
C THR C 181 -3.65 18.42 10.42
N ALA C 182 -4.13 19.61 10.08
CA ALA C 182 -5.22 19.76 9.10
C ALA C 182 -4.81 19.31 7.69
N ASP C 183 -3.56 19.58 7.32
CA ASP C 183 -3.00 19.12 6.04
C ASP C 183 -2.95 17.60 5.96
N LEU C 184 -2.58 16.96 7.08
CA LEU C 184 -2.53 15.51 7.18
C LEU C 184 -3.93 14.90 7.08
N ILE C 185 -4.90 15.55 7.72
CA ILE C 185 -6.30 15.12 7.68
C ILE C 185 -6.88 15.27 6.27
N ARG C 186 -6.49 16.33 5.57
CA ARG C 186 -6.91 16.55 4.18
C ARG C 186 -6.40 15.47 3.23
N LEU C 187 -5.26 14.86 3.56
CA LEU C 187 -4.72 13.72 2.80
C LEU C 187 -5.56 12.47 3.01
N ILE C 188 -6.07 12.29 4.23
CA ILE C 188 -7.00 11.20 4.54
C ILE C 188 -8.34 11.43 3.83
N ILE C 189 -8.84 12.66 3.91
CA ILE C 189 -10.09 13.06 3.27
C ILE C 189 -10.04 12.84 1.75
N ARG C 190 -8.90 13.19 1.14
CA ARG C 190 -8.67 12.99 -0.28
C ARG C 190 -8.73 11.51 -0.68
N ASP C 191 -8.23 10.64 0.20
CA ASP C 191 -8.31 9.19 0.00
C ASP C 191 -9.74 8.68 0.10
N GLU C 192 -10.46 9.16 1.11
CA GLU C 192 -11.82 8.68 1.39
C GLU C 192 -12.85 9.17 0.37
N ALA C 193 -12.56 10.29 -0.28
CA ALA C 193 -13.39 10.81 -1.37
C ALA C 193 -13.39 9.86 -2.56
N VAL C 194 -12.24 9.24 -2.83
CA VAL C 194 -12.10 8.27 -3.91
C VAL C 194 -12.66 6.91 -3.49
N HIS C 195 -12.39 6.54 -2.23
CA HIS C 195 -12.90 5.29 -1.64
C HIS C 195 -14.42 5.20 -1.74
N GLY C 196 -15.11 6.24 -1.28
CA GLY C 196 -16.57 6.32 -1.30
C GLY C 196 -17.14 6.32 -2.71
N TYR C 197 -16.47 7.03 -3.62
CA TYR C 197 -16.83 7.05 -5.04
C TYR C 197 -16.77 5.65 -5.65
N TYR C 198 -15.64 4.97 -5.44
CA TYR C 198 -15.38 3.66 -6.03
C TYR C 198 -16.31 2.57 -5.51
N ILE C 199 -16.40 2.45 -4.18
CA ILE C 199 -17.28 1.47 -3.54
C ILE C 199 -18.74 1.74 -3.88
N GLY C 200 -19.10 3.02 -3.92
CA GLY C 200 -20.43 3.44 -4.35
C GLY C 200 -20.71 3.12 -5.81
N TYR C 201 -19.69 3.27 -6.66
CA TYR C 201 -19.80 2.92 -8.08
C TYR C 201 -19.99 1.43 -8.29
N LYS C 202 -19.25 0.62 -7.52
CA LYS C 202 -19.34 -0.83 -7.59
C LYS C 202 -20.66 -1.33 -7.00
N TYR C 203 -21.22 -0.56 -6.07
CA TYR C 203 -22.55 -0.84 -5.51
C TYR C 203 -23.60 -0.74 -6.61
N GLN C 204 -23.57 0.35 -7.37
CA GLN C 204 -24.52 0.61 -8.45
C GLN C 204 -24.39 -0.38 -9.60
N LYS C 205 -23.16 -0.84 -9.86
CA LYS C 205 -22.89 -1.84 -10.89
C LYS C 205 -23.47 -3.21 -10.51
N ASN C 206 -23.39 -3.54 -9.23
CA ASN C 206 -23.98 -4.78 -8.71
C ASN C 206 -25.50 -4.70 -8.59
N MET C 207 -26.03 -3.47 -8.56
CA MET C 207 -27.47 -3.22 -8.53
C MET C 207 -28.12 -3.52 -9.90
N GLU C 208 -27.29 -3.61 -10.93
CA GLU C 208 -27.76 -3.87 -12.29
C GLU C 208 -28.13 -5.34 -12.53
N LYS C 209 -27.56 -6.23 -11.72
CA LYS C 209 -27.85 -7.67 -11.84
C LYS C 209 -28.80 -8.20 -10.75
N ILE C 210 -29.66 -7.32 -10.24
CA ILE C 210 -30.75 -7.72 -9.34
C ILE C 210 -32.08 -7.15 -9.82
N SER C 211 -33.18 -7.79 -9.40
CA SER C 211 -34.52 -7.42 -9.85
C SER C 211 -34.93 -6.01 -9.42
N LEU C 212 -35.91 -5.45 -10.11
CA LEU C 212 -36.42 -4.10 -9.85
C LEU C 212 -37.00 -3.96 -8.44
N GLY C 213 -37.64 -5.02 -7.96
CA GLY C 213 -38.22 -5.05 -6.62
C GLY C 213 -37.18 -5.14 -5.51
N GLN C 214 -36.06 -5.78 -5.81
CA GLN C 214 -34.97 -5.94 -4.86
C GLN C 214 -34.18 -4.63 -4.70
N ARG C 215 -34.19 -3.81 -5.75
CA ARG C 215 -33.57 -2.48 -5.71
C ARG C 215 -34.34 -1.53 -4.79
N GLU C 216 -35.66 -1.70 -4.75
CA GLU C 216 -36.52 -0.87 -3.91
C GLU C 216 -36.37 -1.23 -2.42
N GLU C 217 -36.18 -2.51 -2.14
CA GLU C 217 -35.92 -2.99 -0.79
C GLU C 217 -34.60 -2.44 -0.24
N LEU C 218 -33.57 -2.45 -1.08
CA LEU C 218 -32.24 -1.98 -0.70
C LEU C 218 -32.16 -0.46 -0.57
N LYS C 219 -32.96 0.25 -1.36
CA LYS C 219 -33.09 1.70 -1.23
C LYS C 219 -33.70 2.05 0.12
N SER C 220 -34.72 1.29 0.51
CA SER C 220 -35.39 1.45 1.80
C SER C 220 -34.45 1.10 2.95
N PHE C 221 -33.63 0.07 2.77
CA PHE C 221 -32.64 -0.34 3.76
C PHE C 221 -31.57 0.75 3.98
N ALA C 222 -31.10 1.33 2.88
CA ALA C 222 -30.06 2.36 2.91
C ALA C 222 -30.47 3.58 3.75
N PHE C 223 -31.67 4.08 3.51
CA PHE C 223 -32.21 5.22 4.24
C PHE C 223 -32.55 4.87 5.70
N ASP C 224 -32.92 3.60 5.92
CA ASP C 224 -33.12 3.09 7.28
C ASP C 224 -31.81 3.02 8.06
N LEU C 225 -30.77 2.51 7.40
CA LEU C 225 -29.43 2.41 8.00
C LEU C 225 -28.84 3.80 8.25
N LEU C 226 -29.02 4.70 7.29
CA LEU C 226 -28.54 6.08 7.40
C LEU C 226 -29.15 6.78 8.62
N LEU C 227 -30.47 6.67 8.77
CA LEU C 227 -31.17 7.32 9.88
C LEU C 227 -30.91 6.67 11.23
N GLU C 228 -30.59 5.37 11.22
CA GLU C 228 -30.17 4.67 12.44
C GLU C 228 -28.78 5.13 12.88
N LEU C 229 -27.88 5.28 11.91
CA LEU C 229 -26.53 5.77 12.15
C LEU C 229 -26.51 7.27 12.45
N TYR C 230 -27.43 8.01 11.82
CA TYR C 230 -27.57 9.44 12.03
C TYR C 230 -27.98 9.76 13.47
N ASP C 231 -29.01 9.07 13.96
CA ASP C 231 -29.50 9.25 15.33
C ASP C 231 -28.42 8.93 16.36
N ASN C 232 -27.62 7.91 16.07
CA ASN C 232 -26.49 7.52 16.92
C ASN C 232 -25.36 8.53 16.90
N GLU C 233 -25.10 9.11 15.73
CA GLU C 233 -24.02 10.09 15.56
C GLU C 233 -24.35 11.44 16.19
N LEU C 234 -25.64 11.74 16.31
CA LEU C 234 -26.11 12.94 17.02
C LEU C 234 -25.77 12.86 18.50
N GLN C 235 -25.94 11.67 19.08
CA GLN C 235 -25.59 11.41 20.47
C GLN C 235 -24.07 11.46 20.67
N TYR C 236 -23.34 10.91 19.71
CA TYR C 236 -21.87 10.90 19.72
C TYR C 236 -21.29 12.32 19.65
N THR C 237 -21.95 13.17 18.85
CA THR C 237 -21.57 14.58 18.73
C THR C 237 -21.83 15.36 20.03
N ASP C 238 -22.99 15.11 20.64
CA ASP C 238 -23.37 15.74 21.91
C ASP C 238 -22.38 15.42 23.03
N GLU C 239 -21.94 14.16 23.09
CA GLU C 239 -21.03 13.69 24.13
C GLU C 239 -19.58 14.13 23.91
N LEU C 240 -19.17 14.23 22.65
CA LEU C 240 -17.82 14.70 22.30
C LEU C 240 -17.66 16.21 22.51
N TYR C 241 -18.61 16.97 21.97
CA TYR C 241 -18.53 18.43 21.94
C TYR C 241 -19.33 19.09 23.07
N ALA C 242 -19.52 18.36 24.16
CA ALA C 242 -20.33 18.82 25.31
C ALA C 242 -19.84 20.14 25.92
N GLU C 243 -18.52 20.27 26.07
CA GLU C 243 -17.93 21.44 26.72
C GLU C 243 -17.54 22.53 25.72
N THR C 244 -18.21 22.52 24.56
CA THR C 244 -17.99 23.50 23.49
C THR C 244 -19.33 23.97 22.92
N PRO C 245 -19.34 25.16 22.27
CA PRO C 245 -20.57 25.62 21.61
C PRO C 245 -20.62 25.28 20.11
N TRP C 246 -20.05 24.15 19.72
CA TRP C 246 -19.92 23.78 18.31
C TRP C 246 -20.84 22.65 17.85
N ALA C 247 -21.59 22.07 18.78
CA ALA C 247 -22.45 20.90 18.52
C ALA C 247 -23.33 21.03 17.27
N ASP C 248 -24.02 22.17 17.15
CA ASP C 248 -24.94 22.41 16.03
C ASP C 248 -24.24 22.54 14.69
N ASP C 249 -23.00 23.04 14.71
CA ASP C 249 -22.23 23.25 13.50
C ASP C 249 -21.69 21.93 12.94
N VAL C 250 -21.39 20.99 13.83
CA VAL C 250 -20.92 19.66 13.46
C VAL C 250 -22.07 18.84 12.85
N LYS C 251 -23.25 18.98 13.43
CA LYS C 251 -24.45 18.26 12.99
C LYS C 251 -24.91 18.69 11.59
N ALA C 252 -24.71 19.96 11.26
CA ALA C 252 -25.00 20.47 9.92
C ALA C 252 -23.97 19.95 8.92
N PHE C 253 -22.74 19.78 9.39
CA PHE C 253 -21.64 19.22 8.59
C PHE C 253 -21.85 17.73 8.36
N LEU C 254 -22.52 17.08 9.30
CA LEU C 254 -22.89 15.66 9.18
C LEU C 254 -23.96 15.44 8.11
N CYS C 255 -25.00 16.27 8.13
CA CYS C 255 -26.09 16.20 7.16
C CYS C 255 -25.62 16.47 5.74
N TYR C 256 -24.66 17.40 5.61
CA TYR C 256 -24.04 17.75 4.34
C TYR C 256 -23.27 16.57 3.74
N ASN C 257 -22.52 15.87 4.59
CA ASN C 257 -21.75 14.70 4.17
C ASN C 257 -22.61 13.46 3.99
N ALA C 258 -23.71 13.37 4.73
CA ALA C 258 -24.68 12.27 4.59
C ALA C 258 -25.30 12.27 3.20
N ASN C 259 -25.60 13.46 2.69
CA ASN C 259 -26.10 13.63 1.33
C ASN C 259 -25.09 13.18 0.28
N LYS C 260 -23.82 13.51 0.51
CA LYS C 260 -22.72 13.11 -0.37
C LYS C 260 -22.51 11.59 -0.39
N ALA C 261 -22.70 10.95 0.77
CA ALA C 261 -22.62 9.50 0.88
C ALA C 261 -23.75 8.83 0.11
N LEU C 262 -24.93 9.45 0.11
CA LEU C 262 -26.07 8.97 -0.66
C LEU C 262 -25.85 9.13 -2.16
N MET C 263 -25.18 10.22 -2.54
CA MET C 263 -24.88 10.49 -3.96
C MET C 263 -23.84 9.53 -4.52
N ASN C 264 -22.91 9.10 -3.66
CA ASN C 264 -21.93 8.07 -4.02
C ASN C 264 -22.61 6.75 -4.37
N LEU C 265 -23.71 6.45 -3.67
CA LEU C 265 -24.50 5.24 -3.92
C LEU C 265 -25.56 5.46 -5.02
N GLY C 266 -25.65 6.69 -5.51
CA GLY C 266 -26.57 7.02 -6.60
C GLY C 266 -27.97 7.40 -6.15
N TYR C 267 -28.10 7.79 -4.88
CA TYR C 267 -29.39 8.16 -4.31
C TYR C 267 -29.58 9.67 -4.16
N GLU C 268 -30.84 10.09 -4.07
CA GLU C 268 -31.20 11.49 -3.83
C GLU C 268 -30.82 11.92 -2.41
N PRO C 269 -30.31 13.16 -2.27
CA PRO C 269 -30.02 13.72 -0.94
C PRO C 269 -31.28 13.75 -0.06
N LEU C 270 -31.12 13.34 1.20
CA LEU C 270 -32.24 13.26 2.13
C LEU C 270 -32.44 14.55 2.92
N PHE C 271 -31.34 15.18 3.33
CA PHE C 271 -31.40 16.37 4.16
C PHE C 271 -31.53 17.66 3.35
N PRO C 272 -32.52 18.51 3.70
CA PRO C 272 -32.76 19.79 3.03
C PRO C 272 -31.67 20.82 3.33
N ALA C 273 -31.62 21.88 2.53
CA ALA C 273 -30.59 22.92 2.63
C ALA C 273 -30.47 23.55 4.02
N GLU C 274 -31.60 23.77 4.68
CA GLU C 274 -31.63 24.39 6.01
C GLU C 274 -31.00 23.51 7.10
N MET C 275 -31.01 22.19 6.89
CA MET C 275 -30.38 21.25 7.81
C MET C 275 -28.91 21.02 7.47
N ALA C 276 -28.52 21.42 6.26
CA ALA C 276 -27.15 21.16 5.77
C ALA C 276 -26.34 22.43 5.52
N GLU C 277 -26.79 23.55 6.08
CA GLU C 277 -26.04 24.82 5.98
C GLU C 277 -24.80 24.82 6.87
N VAL C 278 -23.67 24.46 6.26
CA VAL C 278 -22.38 24.40 6.94
C VAL C 278 -21.77 25.80 7.04
N ASN C 279 -21.12 26.08 8.17
CA ASN C 279 -20.34 27.30 8.34
C ASN C 279 -19.33 27.45 7.20
N PRO C 280 -19.37 28.59 6.48
CA PRO C 280 -18.53 28.83 5.29
C PRO C 280 -17.03 28.66 5.52
N ALA C 281 -16.59 28.82 6.77
CA ALA C 281 -15.19 28.64 7.13
C ALA C 281 -14.74 27.18 7.06
N ILE C 282 -15.68 26.28 7.35
CA ILE C 282 -15.42 24.83 7.28
C ILE C 282 -15.29 24.38 5.82
N LEU C 283 -16.17 24.91 4.96
CA LEU C 283 -16.15 24.59 3.53
C LEU C 283 -14.90 25.14 2.84
N ALA C 284 -14.45 26.33 3.29
CA ALA C 284 -13.23 26.95 2.77
C ALA C 284 -11.98 26.19 3.23
N ALA C 285 -12.07 25.54 4.39
CA ALA C 285 -10.99 24.70 4.90
C ALA C 285 -10.84 23.42 4.07
N LEU C 286 -11.97 22.90 3.59
CA LEU C 286 -11.98 21.76 2.67
C LEU C 286 -11.39 22.15 1.32
N SER C 287 -11.95 23.18 0.71
CA SER C 287 -11.49 23.67 -0.60
C SER C 287 -10.98 25.11 -0.49
N PRO C 288 -9.64 25.28 -0.43
CA PRO C 288 -9.02 26.59 -0.38
C PRO C 288 -9.08 27.32 -1.72
N GLN D 23 -28.53 26.69 -24.84
CA GLN D 23 -28.72 25.25 -24.49
C GLN D 23 -27.56 24.75 -23.62
N LEU D 24 -27.52 23.43 -23.40
CA LEU D 24 -26.50 22.81 -22.56
C LEU D 24 -25.83 21.61 -23.21
N VAL D 25 -24.51 21.51 -23.01
CA VAL D 25 -23.72 20.35 -23.44
C VAL D 25 -22.95 19.84 -22.22
N TYR D 26 -22.94 18.52 -22.04
CA TYR D 26 -22.32 17.92 -20.86
C TYR D 26 -21.59 16.60 -21.15
N PHE D 27 -20.69 16.24 -20.25
CA PHE D 27 -20.02 14.94 -20.28
C PHE D 27 -20.23 14.20 -18.97
N SER D 28 -20.40 12.89 -19.05
CA SER D 28 -20.56 12.05 -17.87
C SER D 28 -19.92 10.69 -18.09
N SER D 29 -19.09 10.27 -17.14
CA SER D 29 -18.44 8.96 -17.18
C SER D 29 -19.47 7.84 -16.88
N SER D 30 -19.00 6.60 -16.86
CA SER D 30 -19.86 5.44 -16.60
C SER D 30 -20.47 5.45 -15.20
N SER D 31 -19.91 6.26 -14.30
CA SER D 31 -20.47 6.45 -12.95
C SER D 31 -21.72 7.33 -12.99
N GLU D 32 -21.80 8.21 -14.00
CA GLU D 32 -23.00 8.98 -14.34
C GLU D 32 -23.53 9.93 -13.26
N ASN D 33 -22.63 10.68 -12.62
CA ASN D 33 -23.02 11.72 -11.68
C ASN D 33 -23.59 12.95 -12.39
N THR D 34 -22.92 13.39 -13.45
CA THR D 34 -23.36 14.54 -14.23
C THR D 34 -24.62 14.20 -15.04
N GLN D 35 -24.71 12.95 -15.50
CA GLN D 35 -25.88 12.45 -16.22
C GLN D 35 -27.15 12.57 -15.36
N ARG D 36 -27.04 12.12 -14.10
CA ARG D 36 -28.16 12.19 -13.15
C ARG D 36 -28.49 13.63 -12.74
N PHE D 37 -27.48 14.51 -12.80
CA PHE D 37 -27.68 15.94 -12.57
C PHE D 37 -28.55 16.55 -13.66
N ILE D 38 -28.25 16.22 -14.92
CA ILE D 38 -29.02 16.70 -16.08
C ILE D 38 -30.45 16.13 -16.10
N GLU D 39 -30.58 14.86 -15.74
CA GLU D 39 -31.89 14.19 -15.66
C GLU D 39 -32.81 14.85 -14.64
N ARG D 40 -32.24 15.26 -13.52
CA ARG D 40 -32.99 15.91 -12.45
C ARG D 40 -33.14 17.42 -12.67
N LEU D 41 -32.34 17.96 -13.59
CA LEU D 41 -32.41 19.38 -13.95
C LEU D 41 -33.66 19.67 -14.78
N GLY D 42 -33.91 18.83 -15.78
CA GLY D 42 -35.09 18.94 -16.62
C GLY D 42 -34.85 19.62 -17.96
N LEU D 43 -33.82 20.46 -18.03
CA LEU D 43 -33.50 21.22 -19.24
C LEU D 43 -32.96 20.33 -20.36
N PRO D 44 -33.38 20.62 -21.62
CA PRO D 44 -32.88 19.89 -22.79
C PRO D 44 -31.38 20.07 -22.97
N ALA D 45 -30.65 18.96 -23.07
CA ALA D 45 -29.20 18.96 -23.18
C ALA D 45 -28.70 17.78 -24.00
N VAL D 46 -27.55 17.96 -24.66
CA VAL D 46 -26.92 16.90 -25.43
C VAL D 46 -25.63 16.42 -24.75
N ARG D 47 -25.43 15.10 -24.76
CA ARG D 47 -24.30 14.48 -24.08
C ARG D 47 -23.13 14.22 -25.04
N ILE D 48 -21.93 14.56 -24.57
CA ILE D 48 -20.70 14.18 -25.27
C ILE D 48 -20.49 12.68 -25.05
N PRO D 49 -20.52 11.89 -26.15
CA PRO D 49 -20.51 10.43 -26.10
C PRO D 49 -19.37 9.85 -25.23
N LEU D 50 -19.69 8.81 -24.49
CA LEU D 50 -18.73 8.13 -23.63
C LEU D 50 -17.68 7.40 -24.46
N ASN D 51 -18.09 6.90 -25.62
CA ASN D 51 -17.19 6.25 -26.57
C ASN D 51 -16.21 7.27 -27.16
N GLU D 52 -14.94 6.87 -27.22
CA GLU D 52 -13.86 7.75 -27.67
C GLU D 52 -13.98 8.21 -29.12
N ARG D 53 -14.33 7.27 -30.00
CA ARG D 53 -14.40 7.55 -31.43
C ARG D 53 -15.84 7.68 -31.93
N GLU D 54 -16.53 8.70 -31.43
CA GLU D 54 -17.88 9.03 -31.87
C GLU D 54 -18.02 10.51 -32.22
N ARG D 55 -18.83 10.79 -33.24
CA ARG D 55 -19.05 12.16 -33.73
C ARG D 55 -19.95 12.95 -32.80
N ILE D 56 -19.58 14.21 -32.56
CA ILE D 56 -20.37 15.12 -31.71
C ILE D 56 -20.26 16.58 -32.18
N GLN D 57 -21.38 17.11 -32.67
CA GLN D 57 -21.47 18.50 -33.11
C GLN D 57 -22.77 19.15 -32.66
N VAL D 58 -22.68 20.45 -32.35
CA VAL D 58 -23.82 21.24 -31.89
C VAL D 58 -23.97 22.50 -32.76
N ASP D 59 -25.22 22.89 -33.01
CA ASP D 59 -25.51 24.04 -33.87
C ASP D 59 -25.89 25.31 -33.09
N GLU D 60 -26.50 25.13 -31.93
CA GLU D 60 -26.92 26.25 -31.09
C GLU D 60 -25.93 26.53 -29.95
N PRO D 61 -25.71 27.82 -29.62
CA PRO D 61 -24.81 28.23 -28.53
C PRO D 61 -25.16 27.55 -27.20
N TYR D 62 -24.13 27.27 -26.40
CA TYR D 62 -24.29 26.41 -25.23
C TYR D 62 -23.44 26.78 -24.02
N ILE D 63 -23.82 26.24 -22.86
CA ILE D 63 -22.99 26.23 -21.66
C ILE D 63 -22.54 24.79 -21.41
N LEU D 64 -21.26 24.61 -21.14
CA LEU D 64 -20.68 23.28 -20.94
C LEU D 64 -20.63 22.87 -19.47
N ILE D 65 -20.97 21.62 -19.19
CA ILE D 65 -20.88 21.07 -17.83
C ILE D 65 -19.91 19.89 -17.80
N VAL D 66 -18.81 20.06 -17.08
CA VAL D 66 -17.70 19.09 -17.06
C VAL D 66 -17.36 18.61 -15.65
N PRO D 67 -17.16 17.29 -15.47
CA PRO D 67 -16.57 16.77 -14.24
C PRO D 67 -15.05 16.89 -14.28
N SER D 68 -14.41 16.82 -13.10
CA SER D 68 -12.95 16.90 -13.01
C SER D 68 -12.34 15.53 -12.74
N TYR D 69 -11.21 15.26 -13.42
CA TYR D 69 -10.51 13.98 -13.27
C TYR D 69 -8.98 14.14 -13.21
N GLY D 70 -8.52 14.98 -12.29
CA GLY D 70 -7.09 15.22 -12.10
C GLY D 70 -6.40 14.06 -11.39
N GLY D 71 -5.38 13.51 -12.04
CA GLY D 71 -4.65 12.37 -11.52
C GLY D 71 -3.67 12.73 -10.41
N GLY D 72 -2.41 12.96 -10.80
CA GLY D 72 -1.35 13.29 -9.85
C GLY D 72 -0.55 14.51 -10.24
N GLY D 73 0.61 14.27 -10.86
CA GLY D 73 1.52 15.33 -11.29
C GLY D 73 0.96 16.15 -12.44
N THR D 74 1.20 15.68 -13.66
CA THR D 74 0.66 16.31 -14.86
C THR D 74 -0.85 16.03 -14.93
N ALA D 75 -1.62 16.88 -14.24
CA ALA D 75 -3.05 16.66 -14.05
C ALA D 75 -3.87 16.85 -15.33
N GLY D 76 -4.41 15.74 -15.82
CA GLY D 76 -5.35 15.76 -16.94
C GLY D 76 -6.76 15.86 -16.41
N ALA D 77 -7.08 17.01 -15.84
CA ALA D 77 -8.38 17.26 -15.20
C ALA D 77 -9.55 17.22 -16.18
N VAL D 78 -9.29 17.64 -17.42
CA VAL D 78 -10.30 17.62 -18.48
C VAL D 78 -10.26 16.26 -19.19
N PRO D 79 -11.42 15.55 -19.21
CA PRO D 79 -11.53 14.24 -19.88
C PRO D 79 -11.22 14.30 -21.38
N ARG D 80 -10.74 13.19 -21.92
CA ARG D 80 -10.35 13.10 -23.34
C ARG D 80 -11.46 13.46 -24.31
N GLN D 81 -12.69 13.04 -24.00
CA GLN D 81 -13.85 13.28 -24.86
C GLN D 81 -14.19 14.76 -24.96
N VAL D 82 -13.99 15.50 -23.86
CA VAL D 82 -14.23 16.94 -23.83
C VAL D 82 -13.19 17.69 -24.66
N ILE D 83 -11.94 17.22 -24.60
CA ILE D 83 -10.85 17.79 -25.41
C ILE D 83 -11.11 17.59 -26.90
N ARG D 84 -11.50 16.36 -27.27
CA ARG D 84 -11.84 16.03 -28.66
C ARG D 84 -13.04 16.82 -29.17
N PHE D 85 -13.96 17.14 -28.25
CA PHE D 85 -15.13 17.95 -28.55
C PHE D 85 -14.77 19.42 -28.77
N LEU D 86 -13.87 19.94 -27.92
CA LEU D 86 -13.45 21.34 -27.99
C LEU D 86 -12.40 21.61 -29.07
N ASN D 87 -11.74 20.55 -29.54
CA ASN D 87 -10.78 20.67 -30.64
C ASN D 87 -11.45 21.03 -31.97
N ASP D 88 -12.76 20.76 -32.06
CA ASP D 88 -13.57 21.19 -33.19
C ASP D 88 -13.81 22.69 -33.11
N GLU D 89 -13.47 23.40 -34.19
CA GLU D 89 -13.58 24.86 -34.24
C GLU D 89 -15.02 25.36 -34.24
N HIS D 90 -15.93 24.55 -34.78
CA HIS D 90 -17.35 24.88 -34.81
C HIS D 90 -17.99 24.77 -33.44
N ASN D 91 -17.59 23.75 -32.67
CA ASN D 91 -18.08 23.56 -31.31
C ASN D 91 -17.53 24.61 -30.34
N ARG D 92 -16.24 24.91 -30.48
CA ARG D 92 -15.54 25.85 -29.60
C ARG D 92 -16.07 27.27 -29.72
N ALA D 93 -16.51 27.64 -30.93
CA ALA D 93 -17.02 28.99 -31.21
C ALA D 93 -18.37 29.26 -30.55
N LEU D 94 -19.13 28.20 -30.28
CA LEU D 94 -20.46 28.32 -29.67
C LEU D 94 -20.45 28.18 -28.15
N LEU D 95 -19.27 27.91 -27.59
CA LEU D 95 -19.08 27.85 -26.14
C LEU D 95 -19.14 29.25 -25.54
N ARG D 96 -19.90 29.40 -24.47
CA ARG D 96 -20.13 30.70 -23.86
C ARG D 96 -19.88 30.71 -22.35
N GLY D 97 -19.94 29.53 -21.72
CA GLY D 97 -19.73 29.38 -20.29
C GLY D 97 -19.50 27.94 -19.86
N VAL D 98 -18.92 27.76 -18.68
CA VAL D 98 -18.60 26.43 -18.17
C VAL D 98 -18.99 26.24 -16.70
N ILE D 99 -19.68 25.13 -16.42
CA ILE D 99 -20.02 24.71 -15.06
C ILE D 99 -19.20 23.46 -14.71
N ALA D 100 -18.61 23.46 -13.52
CA ALA D 100 -17.75 22.37 -13.09
C ALA D 100 -18.38 21.45 -12.05
N SER D 101 -18.27 20.15 -12.29
CA SER D 101 -18.71 19.12 -11.34
C SER D 101 -17.48 18.51 -10.67
N GLY D 102 -17.65 18.03 -9.43
CA GLY D 102 -16.55 17.40 -8.71
C GLY D 102 -16.83 17.10 -7.25
N ASN D 103 -15.84 17.37 -6.41
CA ASN D 103 -15.92 17.12 -4.97
C ASN D 103 -14.98 18.05 -4.20
N ARG D 104 -15.52 18.71 -3.17
CA ARG D 104 -14.76 19.65 -2.35
C ARG D 104 -13.58 19.01 -1.63
N ASN D 105 -13.66 17.70 -1.42
CA ASN D 105 -12.63 16.94 -0.70
C ASN D 105 -11.27 16.87 -1.41
N PHE D 106 -11.22 17.37 -2.65
CA PHE D 106 -9.96 17.41 -3.41
C PHE D 106 -9.22 18.74 -3.25
N GLY D 107 -9.74 19.61 -2.39
CA GLY D 107 -9.07 20.86 -2.03
C GLY D 107 -9.10 21.93 -3.11
N GLU D 108 -7.92 22.43 -3.46
CA GLU D 108 -7.77 23.46 -4.50
C GLU D 108 -8.09 22.92 -5.89
N ALA D 109 -8.15 21.60 -6.01
CA ALA D 109 -8.47 20.93 -7.27
C ALA D 109 -9.98 20.75 -7.47
N TYR D 110 -10.79 21.31 -6.58
CA TYR D 110 -12.24 21.24 -6.68
C TYR D 110 -12.75 22.02 -7.88
N GLY D 111 -13.32 21.30 -8.85
CA GLY D 111 -13.78 21.88 -10.11
C GLY D 111 -12.63 22.35 -10.97
N ARG D 112 -11.52 21.60 -10.94
CA ARG D 112 -10.29 21.95 -11.66
C ARG D 112 -10.51 22.04 -13.17
N ALA D 113 -11.40 21.20 -13.69
CA ALA D 113 -11.74 21.18 -15.11
C ALA D 113 -12.41 22.47 -15.58
N GLY D 114 -13.12 23.13 -14.65
CA GLY D 114 -13.82 24.37 -14.94
C GLY D 114 -12.93 25.52 -15.39
N ASP D 115 -12.00 25.92 -14.54
CA ASP D 115 -11.13 27.06 -14.82
C ASP D 115 -10.04 26.79 -15.86
N VAL D 116 -9.69 25.50 -16.05
CA VAL D 116 -8.75 25.10 -17.09
C VAL D 116 -9.32 25.39 -18.49
N ILE D 117 -10.59 25.03 -18.68
CA ILE D 117 -11.31 25.32 -19.93
C ILE D 117 -11.63 26.81 -20.02
N ALA D 118 -11.92 27.42 -18.87
CA ALA D 118 -12.25 28.84 -18.79
C ALA D 118 -11.10 29.76 -19.20
N ARG D 119 -9.88 29.37 -18.85
CA ARG D 119 -8.69 30.14 -19.19
C ARG D 119 -8.19 29.87 -20.61
N LYS D 120 -8.39 28.64 -21.09
CA LYS D 120 -7.94 28.23 -22.41
C LYS D 120 -8.85 28.77 -23.52
N CYS D 121 -10.16 28.70 -23.29
CA CYS D 121 -11.15 29.11 -24.29
C CYS D 121 -11.61 30.57 -24.14
N GLY D 122 -11.27 31.18 -23.00
CA GLY D 122 -11.61 32.57 -22.73
C GLY D 122 -13.07 32.79 -22.37
N VAL D 123 -13.66 31.80 -21.71
CA VAL D 123 -15.06 31.87 -21.26
C VAL D 123 -15.13 31.98 -19.73
N PRO D 124 -16.21 32.57 -19.19
CA PRO D 124 -16.34 32.67 -17.73
C PRO D 124 -16.70 31.35 -17.05
N TRP D 125 -16.12 31.13 -15.87
CA TRP D 125 -16.45 29.97 -15.04
C TRP D 125 -17.59 30.35 -14.10
N LEU D 126 -18.75 29.76 -14.35
CA LEU D 126 -20.00 30.22 -13.74
C LEU D 126 -20.34 29.57 -12.39
N TYR D 127 -20.37 28.24 -12.36
CA TYR D 127 -20.83 27.52 -11.17
C TYR D 127 -20.03 26.24 -10.89
N ARG D 128 -19.97 25.87 -9.62
CA ARG D 128 -19.32 24.64 -9.18
C ARG D 128 -20.24 23.85 -8.24
N PHE D 129 -20.43 22.57 -8.53
CA PHE D 129 -21.26 21.70 -7.69
C PHE D 129 -20.60 20.32 -7.46
N GLU D 130 -21.17 19.56 -6.53
CA GLU D 130 -20.59 18.28 -6.12
C GLU D 130 -21.43 17.09 -6.56
N LEU D 131 -20.75 16.08 -7.11
CA LEU D 131 -21.34 14.81 -7.53
C LEU D 131 -22.54 15.01 -8.48
N MET D 132 -23.73 14.55 -8.09
CA MET D 132 -24.92 14.73 -8.93
C MET D 132 -25.69 16.01 -8.60
N GLY D 133 -25.19 16.78 -7.64
CA GLY D 133 -25.78 18.07 -7.27
C GLY D 133 -27.04 17.99 -6.44
N THR D 134 -27.06 18.76 -5.36
CA THR D 134 -28.24 18.84 -4.48
C THR D 134 -29.38 19.60 -5.16
N GLN D 135 -30.54 19.65 -4.51
CA GLN D 135 -31.68 20.42 -5.00
C GLN D 135 -31.37 21.91 -5.04
N SER D 136 -30.49 22.36 -4.15
CA SER D 136 -30.00 23.73 -4.13
C SER D 136 -29.14 24.04 -5.37
N ASP D 137 -28.36 23.05 -5.79
CA ASP D 137 -27.53 23.17 -7.00
C ASP D 137 -28.38 23.24 -8.27
N ILE D 138 -29.45 22.44 -8.30
CA ILE D 138 -30.40 22.43 -9.43
C ILE D 138 -31.14 23.76 -9.54
N GLU D 139 -31.56 24.30 -8.38
CA GLU D 139 -32.26 25.58 -8.31
C GLU D 139 -31.38 26.75 -8.76
N ASN D 140 -30.13 26.74 -8.33
CA ASN D 140 -29.18 27.81 -8.67
C ASN D 140 -28.76 27.82 -10.13
N VAL D 141 -28.72 26.63 -10.75
CA VAL D 141 -28.39 26.50 -12.17
C VAL D 141 -29.55 27.01 -13.04
N ARG D 142 -30.77 26.57 -12.73
CA ARG D 142 -31.98 27.02 -13.44
C ARG D 142 -32.08 28.55 -13.50
N LYS D 143 -31.88 29.18 -12.35
CA LYS D 143 -31.97 30.63 -12.23
C LYS D 143 -30.73 31.32 -12.83
N GLY D 144 -29.58 30.68 -12.71
CA GLY D 144 -28.33 31.22 -13.24
C GLY D 144 -28.22 31.19 -14.75
N VAL D 145 -28.73 30.11 -15.35
CA VAL D 145 -28.68 29.91 -16.80
C VAL D 145 -29.63 30.86 -17.55
N THR D 146 -30.88 30.92 -17.09
CA THR D 146 -31.91 31.76 -17.72
C THR D 146 -31.57 33.25 -17.69
N GLU D 147 -30.95 33.70 -16.59
CA GLU D 147 -30.51 35.09 -16.45
C GLU D 147 -29.25 35.39 -17.27
N PHE D 148 -28.45 34.35 -17.53
CA PHE D 148 -27.22 34.48 -18.31
C PHE D 148 -27.50 34.72 -19.80
N TRP D 149 -28.47 34.00 -20.34
CA TRP D 149 -28.81 34.08 -21.77
C TRP D 149 -29.51 35.39 -22.14
N GLN D 150 -30.21 35.98 -21.18
CA GLN D 150 -30.95 37.23 -21.41
C GLN D 150 -30.05 38.47 -21.44
N ARG D 151 -28.81 38.31 -20.97
CA ARG D 151 -27.82 39.38 -21.01
C ARG D 151 -26.78 39.15 -22.11
MN MN E . 5.96 -10.37 -4.61
MN MN F . 6.27 -11.17 -1.06
O1 PEO G . 16.70 -12.96 0.96
O2 PEO G . 15.40 -13.46 0.45
N1 FMN H . 21.12 -5.92 5.13
C2 FMN H . 22.08 -5.26 4.39
O2 FMN H . 23.02 -5.87 3.91
N3 FMN H . 21.99 -3.88 4.22
C4 FMN H . 20.94 -3.18 4.76
O4 FMN H . 20.86 -1.97 4.60
C4A FMN H . 19.97 -3.86 5.50
N5 FMN H . 18.90 -3.15 6.05
C5A FMN H . 17.94 -3.82 6.78
C6 FMN H . 16.88 -3.09 7.32
C7 FMN H . 15.89 -3.73 8.06
C7M FMN H . 14.77 -2.90 8.63
C8 FMN H . 15.97 -5.11 8.26
C8M FMN H . 14.91 -5.83 9.06
C9 FMN H . 17.03 -5.84 7.71
C9A FMN H . 18.02 -5.20 6.97
N10 FMN H . 19.09 -5.91 6.43
C10 FMN H . 20.05 -5.24 5.68
C1' FMN H . 19.21 -7.40 6.60
C2' FMN H . 19.89 -7.78 7.93
O2' FMN H . 21.11 -7.10 8.07
C3' FMN H . 20.11 -9.29 8.01
O3' FMN H . 18.87 -9.97 7.99
C4' FMN H . 20.92 -9.72 9.24
O4' FMN H . 21.25 -11.08 9.13
C5' FMN H . 20.20 -9.48 10.57
O5' FMN H . 21.01 -9.99 11.62
P FMN H . 20.38 -10.21 13.08
O1P FMN H . 19.15 -11.08 12.97
O2P FMN H . 20.02 -8.87 13.67
O3P FMN H . 21.39 -10.89 13.97
MN MN I . -9.73 5.51 6.17
MN MN J . -11.69 4.14 3.24
O1 PEO K . -17.33 11.41 -0.20
O2 PEO K . -16.85 12.69 -0.74
N1 FMN L . -13.32 16.19 -8.42
C2 FMN L . -12.80 17.48 -8.31
O2 FMN L . -13.52 18.40 -7.94
N3 FMN L . -11.47 17.70 -8.63
C4 FMN L . -10.67 16.66 -9.06
O4 FMN L . -9.49 16.89 -9.33
C4A FMN L . -11.19 15.38 -9.17
N5 FMN L . -10.39 14.33 -9.59
C5A FMN L . -10.91 13.06 -9.70
C6 FMN L . -10.09 12.03 -10.13
C7 FMN L . -10.58 10.72 -10.25
C7M FMN L . -9.67 9.63 -10.71
C8 FMN L . -11.92 10.47 -9.93
C8M FMN L . -12.51 9.09 -10.04
C9 FMN L . -12.75 11.51 -9.50
C9A FMN L . -12.25 12.81 -9.38
N10 FMN L . -13.06 13.86 -8.95
C10 FMN L . -12.53 15.14 -8.85
C1' FMN L . -14.50 13.64 -8.60
C2' FMN L . -15.42 13.67 -9.83
O2' FMN L . -15.22 14.87 -10.55
C3' FMN L . -16.88 13.54 -9.41
O3' FMN L . -17.11 12.26 -8.83
C4' FMN L . -17.87 13.77 -10.56
O4' FMN L . -19.15 14.03 -10.01
C5' FMN L . -17.96 12.60 -11.53
O5' FMN L . -18.88 12.92 -12.55
P FMN L . -19.33 11.82 -13.64
O1P FMN L . -19.82 10.59 -12.92
O2P FMN L . -18.15 11.49 -14.52
O3P FMN L . -20.45 12.38 -14.49
#